data_7KFN
#
_entry.id   7KFN
#
_cell.length_a   172.024
_cell.length_b   63.612
_cell.length_c   132.149
_cell.angle_alpha   90.000
_cell.angle_beta   126.770
_cell.angle_gamma   90.000
#
_symmetry.space_group_name_H-M   'C 1 2 1'
#
loop_
_entity.id
_entity.type
_entity.pdbx_description
1 polymer 'Double-stranded RNA-specific editase 1'
2 polymer 'Gli1 8AZ 23mer RNA'
3 polymer 'Gli1 1W5 23mer RNA'
4 non-polymer 'INOSITOL HEXAKISPHOSPHATE'
5 non-polymer 'ZINC ION'
6 water water
#
loop_
_entity_poly.entity_id
_entity_poly.type
_entity_poly.pdbx_seq_one_letter_code
_entity_poly.pdbx_strand_id
1 'polypeptide(L)'
;LHLDQTPSRQPIPSEGLQLHLPQVLADAVSRLVLGKFGDLTDNFSSPHARRKVLAGVVMTTGTDVKDAKVISVSTGTKCI
NGEYMSDRGLALNDCHAEIISRRSLLRFLYTQLELYLNNKDDQKRSIFQKSERGGFRLKENVQFHLYISTSPCGDARIFS
PHEPILEEPADRHPNRKARGQLRTKIESGEGTIPVRSNASIQTWDGVLQGERLLTMSCSDKIARWNVVGIQGSLLSIFVE
PIYFSSIILGSLYHGDHLSRAMYQRISNIEDLPPLYTLNKPLLSGISNAEARQPGKAPNFSVNWTVGDSAIEVINATTGK
DELGRASRLCKHALYCRWMRVHGKVPSHLLRSKITKPNVYHESKLAAKEYQAAKARLFTAFIKAGLGAWVEKPTEQDQFS
LTP
;
A,D
2 'polyribonucleotide' GCUCGCGAUGCU(8AZ)GAGGGCUCUG B
3 'polyribonucleotide' CAGAGCCCCC(1W5)AGCAUCGCGAGC C
#
loop_
_chem_comp.id
_chem_comp.type
_chem_comp.name
_chem_comp.formula
1W5 DNA linking (1R)-1-(6-amino-2-hydroxy-5-nitropyridin-3-yl)-1,4-anhydro-2-deoxy-5-O-phosphono-D-erythro-pentitol 'C10 H14 N3 O9 P'
8AZ RNA linking 8-aza-nebularine-5'-monophosphate 'C9 H14 N5 O8 P'
A RNA linking ADENOSINE-5'-MONOPHOSPHATE 'C10 H14 N5 O7 P'
C RNA linking CYTIDINE-5'-MONOPHOSPHATE 'C9 H14 N3 O8 P'
G RNA linking GUANOSINE-5'-MONOPHOSPHATE 'C10 H14 N5 O8 P'
IHP non-polymer 'INOSITOL HEXAKISPHOSPHATE' 'C6 H18 O24 P6'
U RNA linking URIDINE-5'-MONOPHOSPHATE 'C9 H13 N2 O9 P'
ZN non-polymer 'ZINC ION' 'Zn 2'
#
# COMPACT_ATOMS: atom_id res chain seq x y z
N LEU A 19 11.77 -14.61 42.22
CA LEU A 19 12.77 -13.89 41.37
C LEU A 19 13.77 -14.91 40.80
N HIS A 20 14.05 -15.98 41.56
CA HIS A 20 14.83 -17.19 41.16
C HIS A 20 13.88 -18.35 40.84
N LEU A 21 12.75 -18.46 41.56
CA LEU A 21 11.64 -19.40 41.28
C LEU A 21 10.78 -18.82 40.15
N PRO A 22 10.66 -19.51 39.00
CA PRO A 22 9.84 -19.05 37.87
C PRO A 22 8.50 -18.37 38.25
N GLN A 23 7.72 -18.98 39.14
CA GLN A 23 6.31 -18.59 39.40
C GLN A 23 6.22 -17.29 40.22
N VAL A 24 7.22 -17.03 41.07
CA VAL A 24 7.25 -15.83 41.96
C VAL A 24 7.53 -14.59 41.12
N LEU A 25 8.51 -14.73 40.22
CA LEU A 25 8.89 -13.72 39.20
C LEU A 25 7.65 -13.41 38.36
N ALA A 26 7.00 -14.45 37.84
CA ALA A 26 5.79 -14.36 37.00
C ALA A 26 4.70 -13.59 37.76
N ASP A 27 4.50 -13.90 39.04
CA ASP A 27 3.43 -13.26 39.87
C ASP A 27 3.80 -11.81 40.15
N ALA A 28 5.09 -11.52 40.38
CA ALA A 28 5.59 -10.17 40.73
C ALA A 28 5.44 -9.25 39.53
N VAL A 29 5.89 -9.73 38.37
CA VAL A 29 5.81 -9.03 37.06
C VAL A 29 4.36 -8.61 36.79
N SER A 30 3.40 -9.52 36.93
CA SER A 30 1.95 -9.23 36.81
C SER A 30 1.54 -8.15 37.83
N ARG A 31 1.92 -8.33 39.08
CA ARG A 31 1.45 -7.43 40.16
C ARG A 31 1.97 -6.02 39.89
N LEU A 32 3.24 -5.88 39.51
CA LEU A 32 3.90 -4.56 39.32
C LEU A 32 3.27 -3.76 38.17
N VAL A 33 2.98 -4.44 37.06
CA VAL A 33 2.40 -3.79 35.85
C VAL A 33 0.95 -3.37 36.14
N LEU A 34 0.15 -4.25 36.74
CA LEU A 34 -1.23 -3.90 37.22
C LEU A 34 -1.14 -2.66 38.12
N GLY A 35 -0.28 -2.72 39.14
CA GLY A 35 -0.08 -1.64 40.13
C GLY A 35 0.27 -0.34 39.46
N LYS A 36 1.25 -0.36 38.55
CA LYS A 36 1.73 0.85 37.86
C LYS A 36 0.58 1.41 37.00
N PHE A 37 -0.14 0.54 36.30
CA PHE A 37 -1.30 0.95 35.46
C PHE A 37 -2.34 1.63 36.34
N GLY A 38 -2.53 1.12 37.55
CA GLY A 38 -3.48 1.67 38.52
C GLY A 38 -3.08 3.07 38.96
N ASP A 39 -1.81 3.25 39.38
CA ASP A 39 -1.23 4.56 39.80
C ASP A 39 -1.55 5.62 38.74
N LEU A 40 -1.50 5.22 37.47
CA LEU A 40 -1.50 6.16 36.30
C LEU A 40 -2.93 6.51 35.88
N THR A 41 -3.93 5.75 36.34
CA THR A 41 -5.37 5.89 35.98
C THR A 41 -6.21 6.24 37.22
N ASP A 42 -5.58 6.88 38.23
CA ASP A 42 -6.21 7.25 39.53
C ASP A 42 -6.86 5.99 40.10
N ASN A 43 -6.02 4.98 40.38
CA ASN A 43 -6.45 3.69 40.95
C ASN A 43 -7.63 3.13 40.15
N PHE A 44 -7.50 3.10 38.82
CA PHE A 44 -8.47 2.45 37.89
C PHE A 44 -9.79 3.22 37.80
N SER A 45 -9.92 4.40 38.40
CA SER A 45 -11.18 5.19 38.34
C SER A 45 -11.31 5.92 36.99
N SER A 46 -10.20 6.32 36.36
CA SER A 46 -10.21 7.32 35.25
C SER A 46 -10.76 6.70 33.97
N PRO A 47 -11.34 7.49 33.03
CA PRO A 47 -11.96 6.92 31.84
C PRO A 47 -10.95 6.14 30.98
N HIS A 48 -9.66 6.48 31.07
CA HIS A 48 -8.58 5.84 30.26
C HIS A 48 -8.05 4.57 30.94
N ALA A 49 -8.67 4.13 32.03
CA ALA A 49 -8.40 2.83 32.69
C ALA A 49 -9.12 1.72 31.91
N ARG A 50 -10.20 2.10 31.22
CA ARG A 50 -11.03 1.20 30.39
C ARG A 50 -10.09 0.51 29.41
N ARG A 51 -10.05 -0.82 29.44
CA ARG A 51 -9.11 -1.58 28.57
C ARG A 51 -9.69 -2.95 28.26
N LYS A 52 -9.16 -3.61 27.24
CA LYS A 52 -9.46 -5.03 26.98
C LYS A 52 -8.19 -5.86 27.17
N VAL A 53 -7.03 -5.28 26.87
CA VAL A 53 -5.71 -5.97 27.01
C VAL A 53 -4.71 -4.96 27.58
N LEU A 54 -3.99 -5.38 28.62
CA LEU A 54 -2.89 -4.64 29.27
C LEU A 54 -1.57 -5.35 28.97
N ALA A 55 -0.49 -4.59 28.90
CA ALA A 55 0.87 -5.14 28.73
C ALA A 55 1.88 -4.20 29.39
N GLY A 56 3.08 -4.69 29.59
CA GLY A 56 4.12 -3.92 30.27
C GLY A 56 5.45 -4.63 30.21
N VAL A 57 6.51 -3.85 30.46
CA VAL A 57 7.91 -4.33 30.63
C VAL A 57 8.36 -4.03 32.05
N VAL A 58 8.95 -5.02 32.68
CA VAL A 58 9.56 -4.89 34.03
C VAL A 58 11.05 -5.17 33.82
N MET A 59 11.93 -4.33 34.37
CA MET A 59 13.39 -4.57 34.41
C MET A 59 13.78 -5.06 35.81
N THR A 60 14.45 -6.22 35.86
CA THR A 60 15.22 -6.72 37.03
C THR A 60 16.70 -6.36 36.79
N THR A 61 17.35 -5.86 37.83
CA THR A 61 18.80 -5.54 37.85
C THR A 61 19.44 -6.42 38.92
N GLY A 62 18.84 -7.57 39.22
CA GLY A 62 19.38 -8.57 40.16
C GLY A 62 18.29 -9.40 40.80
N THR A 63 18.64 -10.03 41.93
CA THR A 63 17.99 -11.23 42.51
C THR A 63 16.70 -10.86 43.23
N ASP A 64 16.61 -9.65 43.82
CA ASP A 64 15.54 -9.27 44.77
C ASP A 64 14.43 -8.48 44.04
N VAL A 65 13.20 -8.56 44.56
CA VAL A 65 11.98 -7.82 44.10
C VAL A 65 12.20 -6.29 44.25
N LYS A 66 12.93 -5.85 45.28
CA LYS A 66 13.36 -4.43 45.44
C LYS A 66 13.90 -3.90 44.11
N ASP A 67 14.61 -4.76 43.36
CA ASP A 67 15.40 -4.44 42.15
C ASP A 67 14.53 -4.47 40.89
N ALA A 68 13.24 -4.80 41.04
CA ALA A 68 12.25 -4.82 39.93
C ALA A 68 11.72 -3.41 39.72
N LYS A 69 11.84 -2.88 38.50
CA LYS A 69 11.28 -1.57 38.05
C LYS A 69 10.38 -1.80 36.84
N VAL A 70 9.21 -1.19 36.85
CA VAL A 70 8.34 -1.13 35.66
C VAL A 70 8.91 -0.08 34.73
N ILE A 71 9.23 -0.47 33.49
CA ILE A 71 9.77 0.43 32.42
C ILE A 71 8.61 1.03 31.61
N SER A 72 7.59 0.23 31.31
CA SER A 72 6.50 0.61 30.38
C SER A 72 5.17 -0.03 30.73
N VAL A 73 4.10 0.63 30.33
CA VAL A 73 2.72 0.10 30.46
C VAL A 73 1.96 0.50 29.18
N SER A 74 1.08 -0.37 28.69
CA SER A 74 0.30 -0.12 27.47
C SER A 74 -1.06 -0.84 27.53
N THR A 75 -2.00 -0.40 26.70
CA THR A 75 -3.30 -1.05 26.41
C THR A 75 -3.61 -0.90 24.93
N GLY A 76 -4.50 -1.75 24.41
CA GLY A 76 -4.93 -1.68 23.01
C GLY A 76 -5.12 -3.03 22.39
N THR A 77 -6.07 -3.09 21.43
CA THR A 77 -6.47 -4.30 20.68
C THR A 77 -6.64 -4.05 19.18
N LYS A 78 -6.13 -2.96 18.64
CA LYS A 78 -6.51 -2.48 17.27
C LYS A 78 -5.29 -1.94 16.51
N CYS A 79 -5.38 -1.95 15.19
CA CYS A 79 -4.35 -1.47 14.25
C CYS A 79 -4.94 -0.36 13.39
N ILE A 80 -4.09 0.36 12.69
CA ILE A 80 -4.52 1.57 11.94
C ILE A 80 -5.47 1.16 10.81
N ASN A 81 -6.40 2.06 10.47
CA ASN A 81 -7.23 2.05 9.24
C ASN A 81 -6.31 2.48 8.07
N GLY A 82 -6.43 1.82 6.93
CA GLY A 82 -5.61 2.04 5.73
C GLY A 82 -5.48 3.50 5.35
N GLU A 83 -6.52 4.32 5.50
CA GLU A 83 -6.58 5.72 5.02
C GLU A 83 -5.53 6.55 5.75
N TYR A 84 -5.22 6.14 6.97
CA TYR A 84 -4.59 7.01 7.99
C TYR A 84 -3.08 6.74 8.06
N MET A 85 -2.58 5.75 7.33
CA MET A 85 -1.12 5.56 7.10
C MET A 85 -0.50 6.92 6.81
N SER A 86 0.60 7.24 7.50
CA SER A 86 1.34 8.52 7.38
C SER A 86 2.66 8.32 6.60
N ASP A 87 2.82 9.04 5.48
CA ASP A 87 4.05 9.01 4.64
C ASP A 87 5.18 9.77 5.37
N ARG A 88 4.90 10.37 6.52
CA ARG A 88 5.89 11.12 7.33
C ARG A 88 6.17 10.39 8.64
N GLY A 89 5.58 9.21 8.86
CA GLY A 89 5.83 8.39 10.06
C GLY A 89 5.26 9.01 11.32
N LEU A 90 4.14 9.74 11.21
CA LEU A 90 3.49 10.44 12.36
C LEU A 90 2.34 9.61 12.95
N ALA A 91 2.13 8.36 12.51
CA ALA A 91 1.01 7.51 12.98
C ALA A 91 1.52 6.17 13.50
N LEU A 92 0.94 5.71 14.61
CA LEU A 92 1.13 4.33 15.12
C LEU A 92 0.29 3.37 14.28
N ASN A 93 0.93 2.32 13.78
CA ASN A 93 0.36 1.30 12.85
C ASN A 93 -0.29 0.16 13.65
N ASP A 94 0.28 -0.22 14.78
CA ASP A 94 -0.16 -1.39 15.57
C ASP A 94 -0.28 -0.99 17.03
N CYS A 95 -1.50 -1.03 17.58
CA CYS A 95 -1.82 -0.60 18.96
C CYS A 95 -2.21 -1.79 19.84
N HIS A 96 -1.88 -3.00 19.39
CA HIS A 96 -1.89 -4.20 20.27
C HIS A 96 -0.96 -3.87 21.44
N ALA A 97 -1.45 -4.00 22.69
CA ALA A 97 -0.75 -3.59 23.94
C ALA A 97 0.73 -4.01 23.91
N GLU A 98 1.03 -5.28 23.60
CA GLU A 98 2.42 -5.83 23.76
C GLU A 98 3.34 -5.12 22.77
N ILE A 99 2.79 -4.73 21.61
CA ILE A 99 3.55 -3.99 20.56
C ILE A 99 3.85 -2.60 21.10
N ILE A 100 2.87 -1.92 21.71
CA ILE A 100 3.06 -0.53 22.23
C ILE A 100 4.06 -0.55 23.39
N SER A 101 4.02 -1.58 24.22
CA SER A 101 4.93 -1.74 25.39
C SER A 101 6.37 -1.88 24.92
N ARG A 102 6.65 -2.57 23.81
CA ARG A 102 8.04 -2.63 23.31
C ARG A 102 8.48 -1.23 22.87
N ARG A 103 7.62 -0.47 22.17
CA ARG A 103 7.99 0.84 21.61
C ARG A 103 8.32 1.77 22.77
N SER A 104 7.61 1.62 23.89
CA SER A 104 7.83 2.41 25.13
C SER A 104 9.22 2.07 25.72
N LEU A 105 9.59 0.79 25.68
CA LEU A 105 10.95 0.35 26.09
C LEU A 105 12.01 1.07 25.24
N LEU A 106 11.78 1.23 23.94
CA LEU A 106 12.73 1.89 23.01
C LEU A 106 13.03 3.31 23.51
N ARG A 107 12.03 4.01 24.04
CA ARG A 107 12.24 5.38 24.58
C ARG A 107 13.16 5.29 25.79
N PHE A 108 12.91 4.31 26.66
CA PHE A 108 13.74 4.06 27.86
C PHE A 108 15.18 3.84 27.40
N LEU A 109 15.41 2.95 26.42
CA LEU A 109 16.77 2.60 25.97
C LEU A 109 17.47 3.85 25.40
N TYR A 110 16.79 4.71 24.63
CA TYR A 110 17.37 5.98 24.10
C TYR A 110 17.76 6.89 25.28
N THR A 111 16.87 7.08 26.26
CA THR A 111 17.12 7.91 27.48
C THR A 111 18.37 7.39 28.22
N GLN A 112 18.56 6.07 28.26
CA GLN A 112 19.60 5.41 29.08
C GLN A 112 20.95 5.56 28.37
N LEU A 113 20.92 5.68 27.06
CA LEU A 113 22.12 5.92 26.23
C LEU A 113 22.58 7.37 26.42
N GLU A 114 21.65 8.32 26.33
CA GLU A 114 21.90 9.77 26.52
C GLU A 114 22.44 9.99 27.93
N LEU A 115 21.92 9.23 28.89
CA LEU A 115 22.35 9.25 30.32
C LEU A 115 23.84 8.87 30.41
N TYR A 116 24.25 7.70 29.95
CA TYR A 116 25.68 7.29 29.90
C TYR A 116 26.52 8.44 29.36
N LEU A 117 26.09 9.08 28.26
CA LEU A 117 26.89 10.04 27.45
C LEU A 117 26.96 11.41 28.12
N ASN A 118 26.13 11.66 29.13
CA ASN A 118 25.88 13.01 29.71
C ASN A 118 27.11 13.49 30.48
N ASN A 119 27.74 12.62 31.27
CA ASN A 119 28.97 12.92 32.06
C ASN A 119 29.41 11.62 32.75
N LYS A 120 30.55 11.62 33.45
CA LYS A 120 31.13 10.40 34.06
C LYS A 120 30.28 9.98 35.26
N ASP A 121 29.68 10.93 35.99
CA ASP A 121 28.85 10.64 37.19
C ASP A 121 27.76 9.67 36.74
N ASP A 122 27.11 10.02 35.62
CA ASP A 122 25.85 9.43 35.10
C ASP A 122 26.12 8.03 34.52
N GLN A 123 27.35 7.72 34.10
CA GLN A 123 27.72 6.40 33.55
C GLN A 123 27.30 5.29 34.53
N LYS A 124 27.44 5.57 35.83
CA LYS A 124 27.16 4.64 36.95
C LYS A 124 25.65 4.36 37.03
N ARG A 125 24.79 5.32 36.72
CA ARG A 125 23.33 5.14 36.85
C ARG A 125 22.70 4.66 35.53
N SER A 126 23.47 4.49 34.46
CA SER A 126 22.96 3.94 33.18
C SER A 126 22.95 2.42 33.26
N ILE A 127 22.01 1.76 32.57
CA ILE A 127 21.99 0.29 32.38
C ILE A 127 23.09 -0.13 31.38
N PHE A 128 23.65 0.78 30.60
CA PHE A 128 24.65 0.44 29.57
C PHE A 128 26.07 0.72 30.07
N GLN A 129 27.01 -0.09 29.61
CA GLN A 129 28.48 0.08 29.75
C GLN A 129 29.07 -0.10 28.35
N LYS A 130 30.22 0.51 28.07
CA LYS A 130 31.01 0.20 26.84
C LYS A 130 31.22 -1.32 26.78
N SER A 131 31.10 -1.91 25.59
CA SER A 131 31.32 -3.35 25.31
C SER A 131 32.76 -3.57 24.83
N GLU A 132 33.29 -4.76 25.10
CA GLU A 132 34.60 -5.24 24.58
C GLU A 132 34.59 -5.22 23.05
N ARG A 133 33.43 -5.26 22.39
CA ARG A 133 33.36 -5.46 20.91
C ARG A 133 32.91 -4.18 20.23
N GLY A 134 32.89 -3.06 20.93
CA GLY A 134 32.48 -1.78 20.33
C GLY A 134 31.08 -1.41 20.78
N GLY A 135 30.83 -0.10 20.88
CA GLY A 135 29.56 0.48 21.30
C GLY A 135 29.19 0.00 22.68
N PHE A 136 27.91 -0.22 22.89
CA PHE A 136 27.31 -0.38 24.24
C PHE A 136 26.69 -1.76 24.37
N ARG A 137 26.70 -2.25 25.60
CA ARG A 137 25.91 -3.45 26.01
C ARG A 137 25.37 -3.21 27.41
N LEU A 138 24.48 -4.11 27.85
CA LEU A 138 23.85 -4.02 29.18
C LEU A 138 24.90 -4.36 30.25
N LYS A 139 24.80 -3.76 31.43
CA LYS A 139 25.56 -4.22 32.61
C LYS A 139 25.12 -5.66 32.91
N GLU A 140 25.98 -6.46 33.52
CA GLU A 140 25.64 -7.83 33.95
C GLU A 140 24.35 -7.74 34.77
N ASN A 141 23.43 -8.68 34.53
CA ASN A 141 22.28 -8.96 35.43
C ASN A 141 21.14 -7.94 35.23
N VAL A 142 21.25 -7.06 34.22
CA VAL A 142 20.08 -6.30 33.68
C VAL A 142 19.31 -7.22 32.73
N GLN A 143 18.05 -7.51 33.09
CA GLN A 143 17.10 -8.33 32.28
C GLN A 143 15.79 -7.57 32.06
N PHE A 144 15.09 -7.90 30.99
CA PHE A 144 13.73 -7.38 30.70
C PHE A 144 12.72 -8.51 30.62
N HIS A 145 11.51 -8.24 31.12
CA HIS A 145 10.38 -9.19 31.29
C HIS A 145 9.12 -8.56 30.71
N LEU A 146 8.46 -9.26 29.79
CA LEU A 146 7.25 -8.75 29.12
C LEU A 146 6.05 -9.39 29.79
N TYR A 147 5.09 -8.56 30.16
CA TYR A 147 3.76 -9.00 30.61
C TYR A 147 2.74 -8.71 29.50
N ILE A 148 1.83 -9.66 29.26
CA ILE A 148 0.60 -9.42 28.46
C ILE A 148 -0.53 -10.03 29.28
N SER A 149 -1.66 -9.31 29.41
CA SER A 149 -2.82 -9.75 30.23
C SER A 149 -3.51 -10.92 29.52
N THR A 150 -3.12 -11.22 28.29
CA THR A 150 -3.68 -12.35 27.52
C THR A 150 -2.60 -12.89 26.57
N SER A 151 -2.90 -13.96 25.85
CA SER A 151 -1.97 -14.58 24.87
C SER A 151 -1.87 -13.69 23.63
N PRO A 152 -0.67 -13.57 23.02
CA PRO A 152 -0.47 -12.71 21.86
C PRO A 152 -1.12 -13.32 20.62
N CYS A 153 -1.89 -12.51 19.85
CA CYS A 153 -2.71 -12.97 18.68
C CYS A 153 -1.82 -13.77 17.72
N GLY A 154 -2.40 -14.70 16.97
CA GLY A 154 -1.63 -15.59 16.09
C GLY A 154 -1.32 -16.90 16.78
N ASP A 155 -0.17 -17.48 16.49
CA ASP A 155 0.11 -18.91 16.76
C ASP A 155 -0.08 -19.27 18.24
N ALA A 156 0.15 -18.35 19.18
CA ALA A 156 0.02 -18.63 20.62
C ALA A 156 -1.45 -18.64 21.03
N ARG A 157 -2.37 -18.15 20.21
CA ARG A 157 -3.74 -17.82 20.69
C ARG A 157 -4.80 -18.53 19.87
N ILE A 158 -4.70 -18.45 18.55
CA ILE A 158 -5.77 -18.79 17.57
C ILE A 158 -6.36 -20.18 17.86
N PHE A 159 -5.55 -21.17 18.22
CA PHE A 159 -6.06 -22.56 18.33
C PHE A 159 -6.75 -22.79 19.66
N SER A 160 -6.68 -21.85 20.61
CA SER A 160 -7.25 -21.98 21.98
C SER A 160 -7.27 -20.63 22.66
N PRO A 161 -8.21 -19.74 22.26
CA PRO A 161 -8.30 -18.41 22.82
C PRO A 161 -9.24 -18.36 24.02
N HIS A 162 -9.15 -19.36 24.89
CA HIS A 162 -9.96 -19.47 26.12
C HIS A 162 -9.05 -19.89 27.28
N GLU A 163 -9.49 -19.63 28.50
CA GLU A 163 -8.73 -19.99 29.72
C GLU A 163 -8.52 -21.50 29.68
N PRO A 164 -7.30 -22.00 29.99
CA PRO A 164 -7.06 -23.44 30.08
C PRO A 164 -7.89 -24.07 31.22
N ILE A 165 -8.16 -25.37 31.05
CA ILE A 165 -9.03 -26.24 31.90
C ILE A 165 -8.22 -27.50 32.20
N LEU A 166 -8.11 -27.94 33.46
CA LEU A 166 -7.36 -29.18 33.84
C LEU A 166 -7.76 -30.37 32.95
N GLU A 167 -9.07 -30.54 32.76
CA GLU A 167 -9.70 -31.68 32.02
C GLU A 167 -9.35 -31.62 30.53
N GLU A 168 -8.77 -30.52 30.04
CA GLU A 168 -8.38 -30.39 28.61
C GLU A 168 -6.90 -30.70 28.46
N PRO A 169 -6.57 -31.61 27.51
CA PRO A 169 -5.33 -32.36 27.55
C PRO A 169 -4.21 -31.84 26.64
N ALA A 170 -4.03 -30.52 26.58
CA ALA A 170 -3.12 -29.88 25.60
C ALA A 170 -3.67 -30.12 24.18
N ASP A 171 -2.87 -29.74 23.18
CA ASP A 171 -3.21 -29.76 21.72
C ASP A 171 -3.13 -31.19 21.21
N ARG A 172 -4.26 -31.68 20.68
CA ARG A 172 -4.47 -33.05 20.18
C ARG A 172 -3.90 -33.23 18.76
N HIS A 173 -3.66 -32.14 18.03
CA HIS A 173 -3.30 -32.14 16.58
C HIS A 173 -2.11 -31.24 16.31
N PRO A 174 -0.94 -31.46 16.94
CA PRO A 174 0.20 -30.57 16.77
C PRO A 174 0.94 -30.68 15.44
N ASN A 175 0.61 -31.67 14.59
CA ASN A 175 1.31 -31.85 13.29
C ASN A 175 0.50 -31.24 12.15
N ARG A 176 -0.57 -30.49 12.44
CA ARG A 176 -1.36 -29.82 11.39
C ARG A 176 -0.53 -28.73 10.72
N LYS A 177 -0.77 -28.56 9.43
CA LYS A 177 -0.18 -27.49 8.62
C LYS A 177 -0.42 -26.13 9.33
N ALA A 178 -1.61 -25.90 9.87
CA ALA A 178 -2.03 -24.59 10.47
C ALA A 178 -1.09 -24.22 11.62
N ARG A 179 -0.51 -25.22 12.30
CA ARG A 179 0.39 -25.01 13.47
C ARG A 179 1.70 -24.32 13.05
N GLY A 180 2.03 -23.21 13.71
CA GLY A 180 3.32 -22.50 13.56
C GLY A 180 3.29 -21.44 12.47
N GLN A 181 2.21 -21.42 11.70
CA GLN A 181 2.08 -20.58 10.50
C GLN A 181 2.20 -19.09 10.89
N LEU A 182 2.95 -18.30 10.12
CA LEU A 182 2.88 -16.82 10.15
C LEU A 182 1.46 -16.40 9.82
N ARG A 183 0.92 -15.45 10.56
CA ARG A 183 -0.49 -15.01 10.48
C ARG A 183 -0.52 -13.48 10.55
N THR A 184 -1.50 -12.88 9.88
CA THR A 184 -1.70 -11.42 9.86
C THR A 184 -3.03 -11.06 10.52
N LYS A 185 -3.04 -10.01 11.36
CA LYS A 185 -4.26 -9.20 11.60
C LYS A 185 -4.71 -8.72 10.20
N ILE A 186 -6.00 -8.59 9.94
CA ILE A 186 -6.49 -8.12 8.62
C ILE A 186 -7.52 -7.01 8.85
N GLU A 187 -7.28 -5.83 8.30
CA GLU A 187 -8.19 -4.67 8.50
C GLU A 187 -9.63 -5.13 8.23
N SER A 188 -10.57 -4.68 9.05
CA SER A 188 -12.03 -4.86 8.86
C SER A 188 -12.43 -6.34 8.95
N GLY A 189 -11.48 -7.24 9.30
CA GLY A 189 -11.69 -8.70 9.40
C GLY A 189 -11.30 -9.21 10.77
N GLU A 190 -12.16 -9.97 11.44
CA GLU A 190 -11.69 -10.66 12.67
C GLU A 190 -10.84 -11.83 12.15
N GLY A 191 -10.11 -12.48 13.01
CA GLY A 191 -9.37 -13.67 12.54
C GLY A 191 -7.98 -13.29 12.09
N THR A 192 -7.01 -14.08 12.52
CA THR A 192 -5.58 -13.90 12.18
C THR A 192 -5.26 -14.98 11.15
N ILE A 193 -4.95 -14.48 9.97
CA ILE A 193 -5.08 -15.15 8.67
C ILE A 193 -3.68 -15.52 8.22
N PRO A 194 -3.44 -16.75 7.74
CA PRO A 194 -2.14 -17.14 7.22
C PRO A 194 -1.74 -16.23 6.06
N VAL A 195 -0.45 -16.18 5.81
CA VAL A 195 0.16 -15.61 4.58
C VAL A 195 0.06 -16.67 3.48
N ARG A 196 -0.35 -16.26 2.28
CA ARG A 196 -0.53 -17.18 1.13
C ARG A 196 0.48 -16.77 0.05
N SER A 197 0.94 -17.71 -0.79
CA SER A 197 1.99 -17.47 -1.82
C SER A 197 1.42 -16.81 -3.09
N ASN A 198 0.12 -17.01 -3.39
CA ASN A 198 -0.55 -16.50 -4.62
C ASN A 198 -0.60 -14.96 -4.59
N ALA A 199 -1.13 -14.36 -3.51
CA ALA A 199 -1.09 -12.91 -3.22
C ALA A 199 0.34 -12.51 -2.85
N SER A 200 0.67 -11.22 -2.98
CA SER A 200 2.05 -10.70 -2.81
C SER A 200 2.03 -9.33 -2.11
N ILE A 201 3.24 -8.79 -1.87
CA ILE A 201 3.59 -7.38 -1.57
C ILE A 201 2.33 -6.49 -1.40
N GLN A 202 2.20 -5.81 -0.26
CA GLN A 202 1.18 -4.75 -0.06
C GLN A 202 1.75 -3.49 -0.73
N THR A 203 0.87 -2.62 -1.23
CA THR A 203 1.23 -1.37 -1.93
C THR A 203 0.55 -0.20 -1.22
N TRP A 204 1.12 1.00 -1.29
CA TRP A 204 0.53 2.23 -0.70
C TRP A 204 -0.76 2.55 -1.42
N ASP A 205 -0.72 2.62 -2.75
CA ASP A 205 -1.88 2.99 -3.60
C ASP A 205 -2.97 1.91 -3.48
N GLY A 206 -2.60 0.63 -3.34
CA GLY A 206 -3.59 -0.45 -3.21
C GLY A 206 -4.35 -0.30 -1.90
N VAL A 207 -3.63 0.03 -0.82
CA VAL A 207 -4.21 0.06 0.54
C VAL A 207 -5.13 1.29 0.63
N LEU A 208 -4.79 2.40 0.00
CA LEU A 208 -5.59 3.66 0.07
C LEU A 208 -6.94 3.46 -0.61
N GLN A 209 -7.00 2.73 -1.72
CA GLN A 209 -8.27 2.58 -2.49
C GLN A 209 -9.13 1.47 -1.85
N GLY A 210 -8.55 0.62 -1.01
CA GLY A 210 -9.34 -0.27 -0.12
C GLY A 210 -8.87 -1.71 -0.04
N GLU A 211 -7.69 -2.08 -0.54
CA GLU A 211 -7.07 -3.36 -0.13
C GLU A 211 -6.88 -3.28 1.39
N ARG A 212 -7.24 -4.35 2.09
CA ARG A 212 -7.21 -4.42 3.57
C ARG A 212 -5.75 -4.46 4.00
N LEU A 213 -5.37 -3.58 4.91
CA LEU A 213 -3.98 -3.49 5.46
C LEU A 213 -3.72 -4.73 6.31
N LEU A 214 -2.66 -5.46 5.98
CA LEU A 214 -2.20 -6.62 6.76
C LEU A 214 -1.09 -6.18 7.72
N THR A 215 -1.18 -6.62 8.97
CA THR A 215 -0.18 -6.41 10.05
C THR A 215 0.18 -7.79 10.59
N MET A 216 1.47 -8.10 10.69
CA MET A 216 1.91 -9.40 11.22
C MET A 216 1.40 -9.53 12.64
N SER A 217 1.02 -10.74 13.04
CA SER A 217 0.43 -11.08 14.36
C SER A 217 1.46 -10.86 15.47
N CYS A 218 1.00 -10.63 16.70
CA CYS A 218 1.91 -10.38 17.85
C CYS A 218 2.75 -11.63 18.15
N SER A 219 2.20 -12.83 17.92
CA SER A 219 2.93 -14.13 18.07
C SER A 219 4.16 -14.11 17.18
N ASP A 220 3.97 -13.65 15.95
CA ASP A 220 5.04 -13.55 14.93
C ASP A 220 6.03 -12.44 15.30
N LYS A 221 5.58 -11.29 15.81
CA LYS A 221 6.49 -10.16 16.15
C LYS A 221 7.36 -10.51 17.37
N ILE A 222 6.86 -11.26 18.34
CA ILE A 222 7.67 -11.65 19.54
C ILE A 222 8.68 -12.74 19.15
N ALA A 223 8.33 -13.62 18.20
CA ALA A 223 9.27 -14.61 17.64
C ALA A 223 10.45 -13.85 16.99
N ARG A 224 10.15 -12.88 16.14
CA ARG A 224 11.15 -11.95 15.53
C ARG A 224 12.09 -11.39 16.62
N TRP A 225 11.54 -10.81 17.68
CA TRP A 225 12.32 -10.25 18.83
C TRP A 225 13.20 -11.30 19.50
N ASN A 226 12.79 -12.57 19.51
CA ASN A 226 13.60 -13.67 20.10
C ASN A 226 14.74 -14.05 19.14
N VAL A 227 14.93 -13.32 18.06
CA VAL A 227 16.03 -13.53 17.08
C VAL A 227 16.79 -12.21 16.89
N VAL A 228 16.11 -11.15 16.49
CA VAL A 228 16.80 -9.89 16.15
C VAL A 228 16.91 -9.00 17.39
N GLY A 229 16.42 -9.48 18.54
CA GLY A 229 16.30 -8.67 19.77
C GLY A 229 15.15 -7.67 19.71
N ILE A 230 14.91 -6.97 20.82
CA ILE A 230 13.75 -6.04 21.03
C ILE A 230 14.12 -4.58 20.71
N GLN A 231 15.39 -4.27 20.51
CA GLN A 231 15.90 -2.87 20.41
C GLN A 231 15.56 -2.28 19.03
N GLY A 232 15.36 -3.15 18.02
CA GLY A 232 15.09 -2.76 16.62
C GLY A 232 16.37 -2.43 15.87
N SER A 233 16.27 -2.00 14.60
CA SER A 233 17.42 -1.82 13.68
C SER A 233 18.28 -0.62 14.15
N LEU A 234 17.63 0.54 14.29
CA LEU A 234 18.28 1.84 14.62
C LEU A 234 19.12 1.72 15.90
N LEU A 235 18.57 1.23 17.01
CA LEU A 235 19.30 1.15 18.30
C LEU A 235 20.47 0.18 18.21
N SER A 236 20.40 -0.83 17.33
CA SER A 236 21.46 -1.85 17.11
C SER A 236 22.74 -1.22 16.55
N ILE A 237 22.69 0.00 16.05
CA ILE A 237 23.86 0.75 15.53
C ILE A 237 24.72 1.23 16.72
N PHE A 238 24.11 1.37 17.90
CA PHE A 238 24.75 1.78 19.18
C PHE A 238 24.90 0.60 20.15
N VAL A 239 23.93 -0.30 20.23
CA VAL A 239 23.90 -1.30 21.34
C VAL A 239 23.91 -2.72 20.75
N GLU A 240 24.32 -3.67 21.57
CA GLU A 240 24.24 -5.12 21.26
C GLU A 240 22.79 -5.57 21.41
N PRO A 241 22.40 -6.64 20.68
CA PRO A 241 21.05 -7.19 20.75
C PRO A 241 20.60 -7.43 22.20
N ILE A 242 19.39 -6.98 22.51
CA ILE A 242 18.70 -7.16 23.82
C ILE A 242 17.52 -8.12 23.65
N TYR A 243 17.37 -9.07 24.55
CA TYR A 243 16.28 -10.07 24.53
C TYR A 243 15.45 -9.99 25.80
N PHE A 244 14.16 -10.27 25.68
CA PHE A 244 13.29 -10.61 26.83
C PHE A 244 13.80 -11.91 27.43
N SER A 245 14.04 -11.89 28.74
CA SER A 245 14.37 -13.06 29.58
C SER A 245 13.11 -13.86 29.96
N SER A 246 11.93 -13.23 29.94
CA SER A 246 10.63 -13.84 30.35
C SER A 246 9.49 -13.26 29.50
N ILE A 247 8.49 -14.08 29.22
CA ILE A 247 7.16 -13.63 28.72
C ILE A 247 6.11 -14.25 29.65
N ILE A 248 5.31 -13.39 30.29
CA ILE A 248 4.32 -13.71 31.35
C ILE A 248 2.94 -13.35 30.82
N LEU A 249 2.03 -14.32 30.79
CA LEU A 249 0.63 -14.11 30.35
C LEU A 249 -0.25 -14.10 31.60
N GLY A 250 -1.01 -13.02 31.76
CA GLY A 250 -1.98 -12.86 32.86
C GLY A 250 -3.22 -13.70 32.66
N SER A 251 -3.41 -14.33 31.49
CA SER A 251 -4.57 -15.20 31.18
C SER A 251 -4.31 -15.99 29.89
N LEU A 252 -5.19 -16.93 29.53
CA LEU A 252 -5.16 -17.77 28.29
C LEU A 252 -3.78 -18.41 28.06
N TYR A 253 -3.01 -18.66 29.10
CA TYR A 253 -1.69 -19.32 28.99
C TYR A 253 -1.89 -20.76 28.50
N HIS A 254 -1.32 -21.12 27.35
CA HIS A 254 -1.22 -22.54 26.88
C HIS A 254 0.22 -22.81 26.50
N GLY A 255 0.94 -23.54 27.35
CA GLY A 255 2.40 -23.73 27.30
C GLY A 255 2.90 -24.27 25.96
N ASP A 256 2.18 -25.24 25.37
CA ASP A 256 2.59 -25.91 24.12
C ASP A 256 2.44 -24.92 22.95
N HIS A 257 1.34 -24.17 22.86
CA HIS A 257 1.13 -23.18 21.76
C HIS A 257 2.13 -22.03 21.91
N LEU A 258 2.41 -21.62 23.15
CA LEU A 258 3.27 -20.44 23.39
C LEU A 258 4.72 -20.80 23.07
N SER A 259 5.21 -21.95 23.51
CA SER A 259 6.60 -22.37 23.24
C SER A 259 6.79 -22.52 21.73
N ARG A 260 5.79 -23.08 21.05
CA ARG A 260 5.87 -23.23 19.58
C ARG A 260 5.98 -21.83 18.95
N ALA A 261 5.09 -20.92 19.35
CA ALA A 261 4.92 -19.59 18.74
C ALA A 261 6.19 -18.77 18.94
N MET A 262 6.73 -18.80 20.16
CA MET A 262 7.78 -17.88 20.62
C MET A 262 9.15 -18.29 20.06
N TYR A 263 9.42 -19.58 19.79
CA TYR A 263 10.76 -19.98 19.32
C TYR A 263 10.77 -21.38 18.70
N GLN A 264 10.03 -22.35 19.24
CA GLN A 264 10.32 -23.76 18.84
C GLN A 264 10.04 -23.94 17.36
N ARG A 265 9.13 -23.18 16.75
CA ARG A 265 8.75 -23.36 15.31
C ARG A 265 9.90 -22.95 14.36
N ILE A 266 10.84 -22.13 14.79
CA ILE A 266 11.99 -21.69 13.96
C ILE A 266 13.29 -22.19 14.59
N SER A 267 13.25 -23.32 15.28
CA SER A 267 14.45 -23.99 15.83
C SER A 267 15.42 -24.29 14.68
N ASN A 268 14.95 -24.34 13.44
CA ASN A 268 15.73 -24.63 12.20
C ASN A 268 16.61 -23.44 11.76
N ILE A 269 16.49 -22.26 12.37
CA ILE A 269 17.20 -21.00 11.96
C ILE A 269 18.72 -21.21 12.02
N GLU A 270 19.46 -20.67 11.05
CA GLU A 270 20.94 -20.86 11.02
C GLU A 270 21.66 -19.57 10.57
N ASP A 271 22.99 -19.55 10.73
CA ASP A 271 23.94 -18.55 10.15
C ASP A 271 23.61 -17.15 10.69
N LEU A 272 23.30 -17.06 11.98
CA LEU A 272 23.00 -15.75 12.61
C LEU A 272 24.32 -14.99 12.78
N PRO A 273 24.30 -13.66 12.66
CA PRO A 273 25.46 -12.84 12.96
C PRO A 273 25.90 -13.05 14.41
N PRO A 274 27.14 -12.69 14.78
CA PRO A 274 27.55 -12.81 16.18
C PRO A 274 26.66 -11.93 17.08
N LEU A 275 26.41 -12.45 18.29
CA LEU A 275 25.61 -11.89 19.39
C LEU A 275 24.12 -12.18 19.17
N TYR A 276 23.68 -12.37 17.92
CA TYR A 276 22.29 -12.79 17.61
C TYR A 276 22.17 -14.28 17.91
N THR A 277 21.03 -14.68 18.47
CA THR A 277 20.79 -16.08 18.87
C THR A 277 19.29 -16.32 18.86
N LEU A 278 18.84 -17.58 18.90
CA LEU A 278 17.42 -17.91 19.15
C LEU A 278 17.16 -17.89 20.65
N ASN A 279 16.60 -16.81 21.15
CA ASN A 279 16.36 -16.58 22.59
C ASN A 279 15.17 -17.45 22.98
N LYS A 280 15.27 -18.22 24.07
CA LYS A 280 14.18 -19.05 24.64
C LYS A 280 13.86 -18.47 26.01
N PRO A 281 12.98 -17.46 26.09
CA PRO A 281 12.71 -16.81 27.38
C PRO A 281 11.93 -17.75 28.28
N LEU A 282 11.98 -17.56 29.60
CA LEU A 282 11.03 -18.27 30.50
C LEU A 282 9.62 -17.97 29.99
N LEU A 283 8.76 -18.98 29.91
CA LEU A 283 7.32 -18.78 29.59
C LEU A 283 6.50 -19.22 30.80
N SER A 284 5.49 -18.43 31.15
CA SER A 284 4.67 -18.70 32.36
C SER A 284 3.34 -17.96 32.32
N GLY A 285 2.32 -18.60 32.87
CA GLY A 285 1.09 -17.95 33.37
C GLY A 285 1.29 -17.45 34.79
N ILE A 286 0.23 -16.95 35.39
CA ILE A 286 0.25 -16.47 36.80
C ILE A 286 -0.65 -17.36 37.67
N SER A 287 -0.49 -17.24 38.98
CA SER A 287 -1.19 -18.09 39.98
C SER A 287 -2.69 -17.82 39.89
N ASN A 288 -3.11 -16.55 39.91
CA ASN A 288 -4.54 -16.15 39.78
C ASN A 288 -4.71 -15.39 38.46
N ALA A 289 -5.19 -16.08 37.43
CA ALA A 289 -5.40 -15.51 36.08
C ALA A 289 -6.25 -14.23 36.20
N GLU A 290 -5.94 -13.20 35.41
CA GLU A 290 -6.74 -11.96 35.22
C GLU A 290 -8.13 -12.35 34.69
N ALA A 291 -9.16 -11.59 35.05
CA ALA A 291 -10.57 -11.81 34.63
C ALA A 291 -10.79 -11.15 33.27
N ARG A 292 -11.60 -11.76 32.38
CA ARG A 292 -12.18 -11.13 31.17
C ARG A 292 -12.56 -9.69 31.55
N GLN A 293 -11.99 -8.69 30.90
CA GLN A 293 -12.41 -7.27 31.06
C GLN A 293 -13.75 -7.11 30.36
N PRO A 294 -14.75 -6.48 31.01
CA PRO A 294 -16.11 -6.49 30.51
C PRO A 294 -16.28 -5.31 29.55
N GLY A 295 -17.29 -5.37 28.67
CA GLY A 295 -17.69 -4.24 27.82
C GLY A 295 -17.01 -4.29 26.46
N LYS A 296 -17.33 -3.32 25.60
CA LYS A 296 -16.82 -3.25 24.21
C LYS A 296 -15.36 -2.77 24.25
N ALA A 297 -14.49 -3.45 23.49
CA ALA A 297 -13.06 -3.08 23.33
C ALA A 297 -12.96 -1.60 22.98
N PRO A 298 -12.30 -0.78 23.83
CA PRO A 298 -12.13 0.63 23.49
C PRO A 298 -11.25 0.84 22.24
N ASN A 299 -11.41 1.98 21.56
CA ASN A 299 -10.76 2.29 20.28
C ASN A 299 -9.41 2.97 20.52
N PHE A 300 -9.01 3.14 21.78
CA PHE A 300 -7.79 3.91 22.14
C PHE A 300 -6.78 2.99 22.82
N SER A 301 -5.54 3.40 22.73
CA SER A 301 -4.36 2.70 23.26
C SER A 301 -3.66 3.71 24.17
N VAL A 302 -3.22 3.22 25.31
CA VAL A 302 -2.48 4.01 26.33
C VAL A 302 -1.04 3.51 26.39
N ASN A 303 -0.11 4.43 26.58
CA ASN A 303 1.33 4.13 26.70
C ASN A 303 1.92 5.03 27.79
N TRP A 304 2.97 4.52 28.44
CA TRP A 304 3.72 5.18 29.53
C TRP A 304 5.09 4.51 29.62
N THR A 305 6.12 5.33 29.72
CA THR A 305 7.51 4.88 29.97
C THR A 305 7.96 5.55 31.25
N VAL A 306 8.74 4.83 32.04
CA VAL A 306 9.33 5.35 33.30
C VAL A 306 9.93 6.73 33.01
N GLY A 307 9.61 7.71 33.86
CA GLY A 307 10.06 9.10 33.70
C GLY A 307 8.96 10.01 33.17
N ASP A 308 7.93 9.46 32.51
CA ASP A 308 6.80 10.28 31.99
C ASP A 308 5.90 10.71 33.15
N SER A 309 5.40 11.94 33.12
CA SER A 309 4.50 12.48 34.16
C SER A 309 3.12 11.82 34.05
N ALA A 310 2.73 11.35 32.85
CA ALA A 310 1.38 10.80 32.60
C ALA A 310 1.37 9.87 31.38
N ILE A 311 0.32 9.05 31.25
CA ILE A 311 -0.03 8.24 30.05
C ILE A 311 -0.33 9.19 28.87
N GLU A 312 -0.10 8.69 27.67
CA GLU A 312 -0.53 9.31 26.40
C GLU A 312 -1.64 8.43 25.81
N VAL A 313 -2.72 9.03 25.33
CA VAL A 313 -3.91 8.30 24.79
C VAL A 313 -3.91 8.44 23.27
N ILE A 314 -3.89 7.32 22.56
CA ILE A 314 -3.84 7.25 21.07
C ILE A 314 -5.13 6.60 20.57
N ASN A 315 -5.80 7.23 19.62
CA ASN A 315 -6.84 6.60 18.75
C ASN A 315 -6.13 5.60 17.85
N ALA A 316 -6.30 4.31 18.12
CA ALA A 316 -5.60 3.21 17.41
C ALA A 316 -6.10 3.14 15.95
N THR A 317 -7.29 3.66 15.65
CA THR A 317 -7.88 3.72 14.28
C THR A 317 -7.10 4.71 13.42
N THR A 318 -6.60 5.81 14.01
CA THR A 318 -5.92 6.94 13.31
C THR A 318 -4.41 6.91 13.59
N GLY A 319 -3.97 6.24 14.65
CA GLY A 319 -2.57 6.18 15.06
C GLY A 319 -2.08 7.49 15.65
N LYS A 320 -3.01 8.40 15.96
CA LYS A 320 -2.74 9.77 16.49
C LYS A 320 -3.64 10.02 17.70
N ASP A 321 -3.42 11.09 18.48
CA ASP A 321 -4.29 11.38 19.67
C ASP A 321 -5.62 12.01 19.22
N GLU A 322 -6.49 12.35 20.17
CA GLU A 322 -7.84 12.93 19.93
C GLU A 322 -7.74 14.13 19.00
N LEU A 323 -6.66 14.92 19.09
CA LEU A 323 -6.51 16.24 18.41
C LEU A 323 -5.67 16.13 17.13
N GLY A 324 -5.27 14.92 16.72
CA GLY A 324 -4.52 14.67 15.48
C GLY A 324 -3.01 14.89 15.61
N ARG A 325 -2.45 14.92 16.83
CA ARG A 325 -1.00 15.08 17.08
C ARG A 325 -0.33 13.70 17.19
N ALA A 326 0.94 13.61 16.80
CA ALA A 326 1.73 12.36 16.72
C ALA A 326 2.10 11.89 18.14
N SER A 327 2.16 10.58 18.34
CA SER A 327 2.59 9.94 19.60
C SER A 327 4.09 10.14 19.79
N ARG A 328 4.54 10.30 21.04
CA ARG A 328 5.95 10.09 21.44
C ARG A 328 6.47 8.73 20.95
N LEU A 329 5.63 7.83 20.44
CA LEU A 329 6.08 6.48 20.00
C LEU A 329 6.08 6.35 18.47
N CYS A 330 5.66 7.36 17.70
CA CYS A 330 5.60 7.18 16.23
C CYS A 330 7.03 7.10 15.66
N LYS A 331 7.18 6.59 14.45
CA LYS A 331 8.51 6.40 13.81
C LYS A 331 9.25 7.74 13.77
N HIS A 332 8.53 8.85 13.55
CA HIS A 332 9.17 10.19 13.43
C HIS A 332 9.80 10.56 14.77
N ALA A 333 9.09 10.32 15.88
CA ALA A 333 9.63 10.62 17.23
C ALA A 333 10.83 9.71 17.53
N LEU A 334 10.79 8.44 17.16
CA LEU A 334 11.91 7.51 17.42
C LEU A 334 13.13 7.93 16.59
N TYR A 335 12.93 8.27 15.31
CA TYR A 335 14.00 8.77 14.41
C TYR A 335 14.64 10.03 14.99
N CYS A 336 13.81 10.93 15.49
CA CYS A 336 14.26 12.17 16.17
C CYS A 336 15.12 11.80 17.40
N ARG A 337 14.68 10.86 18.24
CA ARG A 337 15.51 10.33 19.36
C ARG A 337 16.85 9.76 18.84
N TRP A 338 16.81 8.94 17.81
CA TRP A 338 18.00 8.28 17.25
C TRP A 338 19.00 9.33 16.74
N MET A 339 18.52 10.35 16.02
CA MET A 339 19.38 11.41 15.44
C MET A 339 20.04 12.17 16.62
N ARG A 340 19.31 12.40 17.70
CA ARG A 340 19.85 13.18 18.83
C ARG A 340 21.01 12.39 19.46
N VAL A 341 20.78 11.13 19.81
CA VAL A 341 21.87 10.23 20.28
C VAL A 341 22.96 10.12 19.21
N HIS A 342 22.62 10.05 17.92
CA HIS A 342 23.64 9.84 16.87
C HIS A 342 24.68 10.95 16.97
N GLY A 343 24.23 12.19 17.23
CA GLY A 343 25.07 13.41 17.29
C GLY A 343 25.97 13.46 18.51
N LYS A 344 25.72 12.65 19.56
CA LYS A 344 26.52 12.64 20.80
C LYS A 344 27.41 11.39 20.85
N VAL A 345 27.24 10.41 19.96
CA VAL A 345 28.12 9.20 19.94
C VAL A 345 29.26 9.45 18.94
N PRO A 346 30.52 9.52 19.41
CA PRO A 346 31.65 9.67 18.50
C PRO A 346 31.78 8.43 17.61
N SER A 347 32.22 8.60 16.36
CA SER A 347 32.36 7.56 15.31
C SER A 347 32.89 6.25 15.90
N HIS A 348 33.92 6.32 16.73
CA HIS A 348 34.67 5.13 17.22
C HIS A 348 33.79 4.28 18.16
N LEU A 349 32.72 4.84 18.73
CA LEU A 349 31.78 4.06 19.59
C LEU A 349 30.61 3.46 18.77
N LEU A 350 30.45 3.81 17.49
CA LEU A 350 29.42 3.17 16.62
C LEU A 350 29.73 1.68 16.44
N ARG A 351 28.72 0.81 16.59
CA ARG A 351 28.83 -0.65 16.32
C ARG A 351 28.77 -0.87 14.81
N SER A 352 28.35 0.14 14.07
CA SER A 352 28.32 0.11 12.59
C SER A 352 28.86 1.44 12.05
N LYS A 353 29.81 1.34 11.11
CA LYS A 353 30.44 2.47 10.38
C LYS A 353 29.73 2.69 9.04
N ILE A 354 28.77 1.84 8.65
CA ILE A 354 28.07 1.97 7.33
C ILE A 354 27.35 3.32 7.32
N THR A 355 27.53 4.11 6.26
CA THR A 355 26.93 5.46 6.10
C THR A 355 25.68 5.34 5.24
N LYS A 356 24.63 6.08 5.59
CA LYS A 356 23.37 6.06 4.84
C LYS A 356 22.77 7.45 4.89
N PRO A 357 22.03 7.82 3.85
CA PRO A 357 21.27 9.07 3.85
C PRO A 357 20.37 9.18 5.09
N ASN A 358 20.11 10.41 5.56
CA ASN A 358 19.19 10.68 6.69
C ASN A 358 17.75 10.51 6.18
N VAL A 359 17.45 9.31 5.70
CA VAL A 359 16.09 8.82 5.36
C VAL A 359 15.84 7.56 6.18
N TYR A 360 14.68 7.52 6.85
CA TYR A 360 14.30 6.56 7.91
C TYR A 360 14.63 5.17 7.43
N HIS A 361 14.14 4.81 6.26
CA HIS A 361 14.40 3.51 5.58
C HIS A 361 15.90 3.31 5.43
N GLU A 362 16.62 4.32 4.97
CA GLU A 362 18.05 4.18 4.63
C GLU A 362 18.84 3.96 5.94
N SER A 363 18.51 4.69 6.99
CA SER A 363 19.28 4.66 8.26
C SER A 363 19.15 3.27 8.89
N LYS A 364 18.01 2.59 8.71
CA LYS A 364 17.83 1.21 9.23
C LYS A 364 18.81 0.28 8.50
N LEU A 365 19.17 0.59 7.25
CA LEU A 365 20.06 -0.30 6.44
C LEU A 365 21.52 -0.17 6.90
N ALA A 366 21.86 0.79 7.73
CA ALA A 366 23.20 0.89 8.36
C ALA A 366 23.38 -0.21 9.43
N ALA A 367 22.29 -0.79 9.92
CA ALA A 367 22.31 -1.92 10.89
C ALA A 367 22.44 -3.22 10.11
N LYS A 368 23.55 -3.38 9.38
CA LYS A 368 23.85 -4.51 8.48
C LYS A 368 23.63 -5.85 9.21
N GLU A 369 24.16 -6.01 10.41
CA GLU A 369 24.04 -7.31 11.11
C GLU A 369 22.56 -7.56 11.43
N TYR A 370 21.83 -6.54 11.88
CA TYR A 370 20.40 -6.70 12.23
C TYR A 370 19.70 -7.16 10.95
N GLN A 371 20.00 -6.52 9.82
CA GLN A 371 19.31 -6.82 8.54
C GLN A 371 19.58 -8.28 8.18
N ALA A 372 20.79 -8.80 8.45
CA ALA A 372 21.15 -10.17 8.09
C ALA A 372 20.41 -11.16 9.01
N ALA A 373 20.19 -10.78 10.28
CA ALA A 373 19.48 -11.61 11.25
C ALA A 373 18.00 -11.66 10.89
N LYS A 374 17.46 -10.55 10.38
CA LYS A 374 16.07 -10.48 9.90
C LYS A 374 15.94 -11.43 8.70
N ALA A 375 16.86 -11.32 7.74
CA ALA A 375 16.98 -12.23 6.59
C ALA A 375 16.94 -13.69 7.03
N ARG A 376 17.80 -14.09 7.98
CA ARG A 376 17.85 -15.50 8.48
C ARG A 376 16.50 -15.91 9.07
N LEU A 377 15.89 -15.03 9.86
CA LEU A 377 14.54 -15.21 10.44
C LEU A 377 13.55 -15.54 9.33
N PHE A 378 13.45 -14.66 8.31
CA PHE A 378 12.47 -14.84 7.21
C PHE A 378 12.72 -16.19 6.53
N THR A 379 13.99 -16.56 6.30
CA THR A 379 14.30 -17.79 5.55
C THR A 379 13.81 -18.98 6.39
N ALA A 380 13.97 -18.92 7.72
CA ALA A 380 13.67 -20.03 8.63
C ALA A 380 12.16 -20.26 8.65
N PHE A 381 11.35 -19.20 8.73
CA PHE A 381 9.87 -19.30 8.61
C PHE A 381 9.56 -19.98 7.27
N ILE A 382 10.19 -19.54 6.16
CA ILE A 382 9.88 -20.08 4.80
C ILE A 382 10.26 -21.56 4.71
N LYS A 383 11.50 -21.92 5.06
CA LYS A 383 12.05 -23.30 4.98
C LYS A 383 11.19 -24.27 5.81
N ALA A 384 10.59 -23.79 6.90
CA ALA A 384 9.78 -24.58 7.83
C ALA A 384 8.34 -24.69 7.31
N GLY A 385 8.04 -24.05 6.18
CA GLY A 385 6.71 -24.09 5.52
C GLY A 385 5.68 -23.23 6.23
N LEU A 386 6.11 -22.14 6.86
CA LEU A 386 5.27 -21.29 7.76
C LEU A 386 4.98 -19.93 7.12
N GLY A 387 5.41 -19.73 5.87
CA GLY A 387 5.06 -18.56 5.04
C GLY A 387 6.13 -17.47 5.00
N ALA A 388 5.95 -16.54 4.06
CA ALA A 388 6.81 -15.35 3.86
C ALA A 388 6.23 -14.19 4.68
N TRP A 389 7.09 -13.56 5.49
CA TRP A 389 6.78 -12.35 6.28
C TRP A 389 6.19 -11.26 5.37
N VAL A 390 5.18 -10.56 5.85
CA VAL A 390 4.49 -9.48 5.09
C VAL A 390 4.91 -8.13 5.64
N GLU A 391 5.50 -7.29 4.80
CA GLU A 391 6.03 -5.97 5.19
C GLU A 391 5.03 -4.87 4.80
N LYS A 392 5.15 -3.70 5.39
CA LYS A 392 4.34 -2.52 4.98
C LYS A 392 4.81 -2.11 3.60
N PRO A 393 4.00 -1.33 2.86
CA PRO A 393 4.46 -0.76 1.59
C PRO A 393 5.81 -0.02 1.79
N THR A 394 6.72 -0.13 0.83
CA THR A 394 8.07 0.48 0.92
C THR A 394 7.97 2.01 1.12
N GLU A 395 6.89 2.69 0.72
CA GLU A 395 6.77 4.17 0.85
C GLU A 395 6.72 4.61 2.32
N GLN A 396 6.22 3.77 3.22
CA GLN A 396 5.94 4.09 4.65
C GLN A 396 7.14 4.84 5.29
N ASP A 397 8.32 4.28 5.10
CA ASP A 397 9.59 4.66 5.78
C ASP A 397 10.43 5.58 4.88
N GLN A 398 9.93 6.01 3.70
CA GLN A 398 10.68 6.93 2.80
C GLN A 398 10.48 8.38 3.26
N PHE A 399 10.82 8.75 4.50
CA PHE A 399 10.75 10.16 4.98
C PHE A 399 12.04 10.56 5.71
N SER A 400 12.16 11.85 6.03
CA SER A 400 13.33 12.51 6.66
C SER A 400 12.85 13.43 7.79
N LEU A 401 13.75 13.96 8.61
CA LEU A 401 13.33 14.84 9.73
C LEU A 401 13.04 16.24 9.18
N THR A 402 11.90 16.81 9.60
CA THR A 402 11.14 17.96 8.99
C THR A 402 10.64 17.57 7.60
P 8AZ B 13 -9.75 -12.88 19.85
OP2 8AZ B 13 -10.17 -13.30 21.24
OP1 8AZ B 13 -8.48 -13.52 19.29
O5' 8AZ B 13 -9.61 -11.27 19.84
C5' 8AZ B 13 -10.60 -10.42 20.41
C4' 8AZ B 13 -10.02 -9.02 20.51
O4' 8AZ B 13 -8.81 -9.03 21.27
C1' 8AZ B 13 -7.72 -8.52 20.49
N9 8AZ B 13 -6.42 -9.15 20.84
N8 8AZ B 13 -6.26 -10.54 20.60
N7 8AZ B 13 -4.97 -10.85 21.02
C5 8AZ B 13 -4.36 -9.76 21.46
C6 8AZ B 13 -2.94 -9.59 21.74
O6 8AZ B 13 -2.05 -9.69 20.58
N1 8AZ B 13 -2.82 -8.26 22.38
C2 8AZ B 13 -3.70 -7.26 22.23
N3 8AZ B 13 -4.94 -7.42 21.72
C4 8AZ B 13 -5.30 -8.65 21.34
C2' 8AZ B 13 -8.15 -8.69 19.04
O2' 8AZ B 13 -7.43 -7.78 18.18
C3' 8AZ B 13 -9.62 -8.40 19.19
O3' 8AZ B 13 -9.76 -6.99 19.39
N 1W5 C 11 -18.81 -13.42 8.91
P 1W5 C 11 -18.72 -12.03 3.73
C1 1W5 C 11 -15.71 -11.56 8.31
C2 1W5 C 11 -15.19 -11.62 9.69
O2 1W5 C 11 -14.10 -11.10 10.00
N3 1W5 C 11 -15.88 -12.23 10.64
C4 1W5 C 11 -17.02 -12.81 10.42
N4 1W5 C 11 -17.67 -13.43 11.43
C5 1W5 C 11 -17.60 -12.78 9.08
C6 1W5 C 11 -16.93 -12.16 8.05
C1' 1W5 C 11 -14.94 -10.88 7.26
C2' 1W5 C 11 -14.26 -11.97 6.44
C3' 1W5 C 11 -14.57 -11.63 5.01
O3' 1W5 C 11 -13.40 -11.45 4.23
C4' 1W5 C 11 -15.37 -10.33 4.99
O4' 1W5 C 11 -15.76 -10.10 6.38
C5' 1W5 C 11 -16.56 -10.44 4.01
O5' 1W5 C 11 -17.30 -11.62 4.36
ON1 1W5 C 11 -19.70 -13.53 9.99
ON2 1W5 C 11 -19.06 -13.96 7.84
OP1 1W5 C 11 -18.51 -12.13 2.24
OP2 1W5 C 11 -19.36 -13.26 4.39
N HIS D 20 -17.10 27.11 -18.18
CA HIS D 20 -16.69 27.82 -16.93
C HIS D 20 -17.19 27.03 -15.71
N LEU D 21 -16.92 27.55 -14.50
CA LEU D 21 -17.31 26.98 -13.18
C LEU D 21 -16.82 25.54 -13.08
N PRO D 22 -15.50 25.33 -12.83
CA PRO D 22 -14.91 23.99 -12.72
C PRO D 22 -15.68 22.96 -11.89
N GLN D 23 -16.25 23.37 -10.74
CA GLN D 23 -16.86 22.44 -9.74
C GLN D 23 -18.24 21.98 -10.24
N VAL D 24 -18.89 22.78 -11.09
CA VAL D 24 -20.24 22.48 -11.62
C VAL D 24 -20.09 21.44 -12.72
N LEU D 25 -19.11 21.65 -13.60
CA LEU D 25 -18.68 20.68 -14.64
C LEU D 25 -18.36 19.33 -13.97
N ALA D 26 -17.44 19.34 -13.02
CA ALA D 26 -16.98 18.17 -12.23
C ALA D 26 -18.20 17.42 -11.70
N ASP D 27 -19.11 18.14 -11.06
CA ASP D 27 -20.34 17.54 -10.47
C ASP D 27 -21.21 16.95 -11.58
N ALA D 28 -21.48 17.69 -12.67
CA ALA D 28 -22.29 17.22 -13.80
C ALA D 28 -21.70 15.93 -14.39
N VAL D 29 -20.38 15.91 -14.64
CA VAL D 29 -19.68 14.74 -15.25
C VAL D 29 -19.85 13.52 -14.35
N SER D 30 -19.55 13.70 -13.05
CA SER D 30 -19.63 12.66 -12.00
C SER D 30 -21.07 12.11 -11.94
N ARG D 31 -22.05 13.00 -11.87
CA ARG D 31 -23.49 12.67 -11.81
C ARG D 31 -23.91 11.93 -13.10
N LEU D 32 -23.45 12.39 -14.27
CA LEU D 32 -23.88 11.81 -15.58
C LEU D 32 -23.36 10.37 -15.69
N VAL D 33 -22.08 10.16 -15.38
CA VAL D 33 -21.43 8.81 -15.46
C VAL D 33 -22.09 7.86 -14.45
N LEU D 34 -22.35 8.30 -13.24
CA LEU D 34 -22.97 7.45 -12.20
C LEU D 34 -24.42 7.13 -12.64
N GLY D 35 -25.13 8.14 -13.12
CA GLY D 35 -26.50 7.98 -13.64
C GLY D 35 -26.54 6.92 -14.71
N LYS D 36 -25.58 6.92 -15.64
CA LYS D 36 -25.60 6.00 -16.81
C LYS D 36 -25.26 4.59 -16.32
N PHE D 37 -24.33 4.50 -15.36
CA PHE D 37 -23.96 3.23 -14.70
C PHE D 37 -25.23 2.59 -14.11
N GLY D 38 -26.02 3.38 -13.38
CA GLY D 38 -27.34 2.94 -12.86
C GLY D 38 -28.17 2.26 -13.94
N ASP D 39 -28.46 2.98 -15.02
CA ASP D 39 -29.36 2.52 -16.11
C ASP D 39 -28.87 1.19 -16.68
N LEU D 40 -27.57 0.94 -16.65
CA LEU D 40 -26.93 -0.22 -17.33
C LEU D 40 -26.92 -1.42 -16.40
N THR D 41 -27.34 -1.23 -15.14
CA THR D 41 -27.21 -2.25 -14.07
C THR D 41 -28.54 -2.33 -13.32
N ASP D 42 -29.64 -2.15 -14.03
CA ASP D 42 -31.01 -2.29 -13.45
C ASP D 42 -31.03 -1.50 -12.12
N ASN D 43 -30.76 -0.19 -12.20
CA ASN D 43 -30.60 0.75 -11.06
C ASN D 43 -29.71 0.12 -9.98
N PHE D 44 -28.49 -0.28 -10.35
CA PHE D 44 -27.37 -0.71 -9.45
C PHE D 44 -27.65 -2.07 -8.79
N SER D 45 -28.73 -2.75 -9.18
CA SER D 45 -29.27 -3.97 -8.51
C SER D 45 -28.69 -5.23 -9.13
N SER D 46 -28.15 -5.16 -10.35
CA SER D 46 -27.53 -6.31 -11.06
C SER D 46 -26.26 -6.68 -10.31
N PRO D 47 -25.83 -7.96 -10.35
CA PRO D 47 -24.63 -8.39 -9.65
C PRO D 47 -23.34 -7.74 -10.21
N HIS D 48 -23.43 -7.17 -11.41
CA HIS D 48 -22.29 -6.59 -12.19
C HIS D 48 -22.21 -5.07 -11.94
N ALA D 49 -22.99 -4.56 -10.99
CA ALA D 49 -22.87 -3.19 -10.41
C ALA D 49 -21.84 -3.21 -9.27
N ARG D 50 -21.54 -4.39 -8.74
CA ARG D 50 -20.43 -4.64 -7.78
C ARG D 50 -19.14 -4.12 -8.44
N ARG D 51 -18.53 -3.09 -7.85
CA ARG D 51 -17.34 -2.35 -8.38
C ARG D 51 -16.59 -1.68 -7.23
N LYS D 52 -15.26 -1.60 -7.33
CA LYS D 52 -14.37 -0.78 -6.45
C LYS D 52 -14.06 0.57 -7.12
N VAL D 53 -13.87 0.63 -8.44
CA VAL D 53 -13.61 1.90 -9.20
C VAL D 53 -14.54 1.98 -10.42
N LEU D 54 -15.18 3.15 -10.57
CA LEU D 54 -16.06 3.53 -11.70
C LEU D 54 -15.35 4.62 -12.52
N ALA D 55 -15.28 4.47 -13.83
CA ALA D 55 -14.71 5.47 -14.75
C ALA D 55 -15.70 5.75 -15.88
N GLY D 56 -15.47 6.84 -16.60
CA GLY D 56 -16.29 7.18 -17.76
C GLY D 56 -15.78 8.41 -18.46
N VAL D 57 -16.25 8.59 -19.68
CA VAL D 57 -15.90 9.75 -20.55
C VAL D 57 -17.22 10.44 -20.91
N VAL D 58 -17.25 11.75 -20.70
CA VAL D 58 -18.37 12.65 -21.05
C VAL D 58 -17.84 13.61 -22.11
N MET D 59 -18.61 13.80 -23.17
CA MET D 59 -18.35 14.77 -24.28
C MET D 59 -19.29 15.95 -24.12
N THR D 60 -18.75 17.16 -24.28
CA THR D 60 -19.52 18.42 -24.31
C THR D 60 -19.38 19.01 -25.71
N THR D 61 -20.37 19.79 -26.15
CA THR D 61 -20.37 20.46 -27.49
C THR D 61 -20.85 21.90 -27.30
N GLY D 62 -19.89 22.82 -27.17
CA GLY D 62 -20.14 24.26 -26.92
C GLY D 62 -20.12 24.56 -25.43
N THR D 63 -19.92 25.84 -25.08
CA THR D 63 -20.00 26.41 -23.71
C THR D 63 -21.48 26.43 -23.28
N ASP D 64 -22.10 25.24 -23.17
CA ASP D 64 -23.55 25.04 -22.90
C ASP D 64 -23.71 24.81 -21.39
N VAL D 65 -24.62 23.92 -20.98
CA VAL D 65 -24.71 23.39 -19.59
C VAL D 65 -24.94 21.87 -19.65
N LYS D 66 -26.03 21.45 -20.29
CA LYS D 66 -26.56 20.05 -20.28
C LYS D 66 -26.62 19.47 -21.71
N ASP D 67 -25.81 19.98 -22.64
CA ASP D 67 -25.52 19.34 -23.95
C ASP D 67 -24.24 18.51 -23.80
N ALA D 68 -24.32 17.56 -22.87
CA ALA D 68 -23.26 16.61 -22.48
C ALA D 68 -23.74 15.21 -22.79
N LYS D 69 -22.87 14.34 -23.25
CA LYS D 69 -23.23 12.95 -23.60
C LYS D 69 -22.21 12.06 -22.90
N VAL D 70 -22.69 11.12 -22.12
CA VAL D 70 -21.83 10.01 -21.61
C VAL D 70 -21.41 9.18 -22.83
N ILE D 71 -20.12 9.08 -23.10
CA ILE D 71 -19.53 8.32 -24.26
C ILE D 71 -19.26 6.88 -23.82
N SER D 72 -18.71 6.70 -22.63
CA SER D 72 -18.21 5.40 -22.14
C SER D 72 -18.37 5.32 -20.62
N VAL D 73 -18.59 4.11 -20.13
CA VAL D 73 -18.76 3.76 -18.70
C VAL D 73 -17.99 2.45 -18.47
N SER D 74 -17.16 2.40 -17.44
CA SER D 74 -16.31 1.23 -17.14
C SER D 74 -16.11 1.04 -15.64
N THR D 75 -15.79 -0.19 -15.25
CA THR D 75 -15.33 -0.56 -13.89
C THR D 75 -14.13 -1.49 -14.03
N GLY D 76 -13.43 -1.73 -12.93
CA GLY D 76 -12.34 -2.71 -12.85
C GLY D 76 -11.14 -2.16 -12.09
N THR D 77 -10.38 -3.05 -11.42
CA THR D 77 -9.17 -2.68 -10.63
C THR D 77 -8.02 -3.65 -10.87
N LYS D 78 -8.12 -4.57 -11.83
CA LYS D 78 -7.19 -5.73 -11.92
C LYS D 78 -6.68 -5.88 -13.36
N CYS D 79 -5.52 -6.54 -13.52
CA CYS D 79 -4.81 -6.84 -14.79
C CYS D 79 -4.67 -8.35 -15.01
N ILE D 80 -4.42 -8.69 -16.27
CA ILE D 80 -4.25 -10.10 -16.74
C ILE D 80 -3.09 -10.76 -15.98
N ASN D 81 -3.22 -12.05 -15.62
CA ASN D 81 -2.07 -12.94 -15.35
C ASN D 81 -1.29 -13.18 -16.64
N GLY D 82 0.04 -13.26 -16.53
CA GLY D 82 0.96 -13.67 -17.62
C GLY D 82 0.53 -14.93 -18.37
N GLU D 83 0.21 -16.04 -17.67
CA GLU D 83 -0.25 -17.34 -18.26
C GLU D 83 -1.26 -17.11 -19.41
N TYR D 84 -2.02 -16.00 -19.35
CA TYR D 84 -3.27 -15.78 -20.14
C TYR D 84 -3.08 -14.69 -21.19
N MET D 85 -1.84 -14.20 -21.37
CA MET D 85 -1.50 -13.14 -22.35
C MET D 85 -1.59 -13.70 -23.77
N SER D 86 -2.23 -12.95 -24.67
CA SER D 86 -2.48 -13.33 -26.10
C SER D 86 -1.39 -12.74 -26.97
N ASP D 87 -0.86 -13.54 -27.91
CA ASP D 87 0.03 -13.06 -29.00
C ASP D 87 -0.81 -12.92 -30.27
N ARG D 88 -2.14 -12.78 -30.10
CA ARG D 88 -3.12 -12.63 -31.21
C ARG D 88 -4.09 -11.47 -30.95
N GLY D 89 -3.85 -10.65 -29.92
CA GLY D 89 -4.69 -9.49 -29.61
C GLY D 89 -6.08 -9.84 -29.11
N LEU D 90 -6.29 -11.02 -28.54
CA LEU D 90 -7.63 -11.49 -28.12
C LEU D 90 -7.85 -11.26 -26.61
N ALA D 91 -6.81 -10.88 -25.88
CA ALA D 91 -6.86 -10.71 -24.40
C ALA D 91 -6.55 -9.26 -24.02
N LEU D 92 -7.37 -8.69 -23.16
CA LEU D 92 -7.17 -7.35 -22.53
C LEU D 92 -6.09 -7.45 -21.46
N ASN D 93 -5.04 -6.63 -21.59
CA ASN D 93 -3.85 -6.62 -20.70
C ASN D 93 -4.17 -5.89 -19.38
N ASP D 94 -5.02 -4.86 -19.43
CA ASP D 94 -5.22 -3.94 -18.29
C ASP D 94 -6.71 -3.62 -18.19
N CYS D 95 -7.34 -3.96 -17.06
CA CYS D 95 -8.80 -3.77 -16.88
C CYS D 95 -9.09 -2.74 -15.79
N HIS D 96 -8.16 -1.83 -15.51
CA HIS D 96 -8.42 -0.68 -14.62
C HIS D 96 -9.42 0.21 -15.34
N ALA D 97 -10.43 0.68 -14.61
CA ALA D 97 -11.63 1.35 -15.14
C ALA D 97 -11.20 2.43 -16.14
N GLU D 98 -10.25 3.27 -15.75
CA GLU D 98 -9.86 4.48 -16.52
C GLU D 98 -9.24 4.02 -17.84
N ILE D 99 -8.49 2.92 -17.85
CA ILE D 99 -7.87 2.38 -19.08
C ILE D 99 -8.95 1.84 -20.01
N ILE D 100 -9.92 1.10 -19.45
CA ILE D 100 -11.04 0.50 -20.23
C ILE D 100 -11.92 1.64 -20.78
N SER D 101 -12.15 2.72 -20.04
CA SER D 101 -12.96 3.88 -20.49
C SER D 101 -12.32 4.54 -21.73
N ARG D 102 -11.00 4.63 -21.79
CA ARG D 102 -10.29 5.19 -22.97
C ARG D 102 -10.56 4.30 -24.17
N ARG D 103 -10.47 2.99 -23.99
CA ARG D 103 -10.54 2.03 -25.13
C ARG D 103 -11.96 2.12 -25.70
N SER D 104 -12.95 2.28 -24.83
CA SER D 104 -14.38 2.47 -25.18
C SER D 104 -14.52 3.75 -26.01
N LEU D 105 -13.86 4.82 -25.59
CA LEU D 105 -13.81 6.08 -26.38
C LEU D 105 -13.23 5.78 -27.77
N LEU D 106 -12.26 4.88 -27.90
CA LEU D 106 -11.71 4.60 -29.26
C LEU D 106 -12.82 4.01 -30.13
N ARG D 107 -13.65 3.13 -29.58
CA ARG D 107 -14.84 2.59 -30.31
C ARG D 107 -15.72 3.75 -30.79
N PHE D 108 -16.04 4.72 -29.94
CA PHE D 108 -16.84 5.91 -30.30
C PHE D 108 -16.17 6.65 -31.47
N LEU D 109 -14.86 6.89 -31.36
CA LEU D 109 -14.16 7.67 -32.40
C LEU D 109 -14.19 6.91 -33.73
N TYR D 110 -14.10 5.58 -33.77
CA TYR D 110 -14.21 4.83 -35.05
C TYR D 110 -15.63 5.01 -35.62
N THR D 111 -16.63 4.94 -34.74
CA THR D 111 -18.06 5.12 -35.11
C THR D 111 -18.27 6.51 -35.73
N GLN D 112 -17.62 7.55 -35.19
CA GLN D 112 -17.82 8.96 -35.61
C GLN D 112 -17.12 9.17 -36.96
N LEU D 113 -16.03 8.46 -37.20
CA LEU D 113 -15.37 8.47 -38.53
C LEU D 113 -16.26 7.77 -39.55
N GLU D 114 -16.88 6.64 -39.22
CA GLU D 114 -17.81 5.95 -40.14
C GLU D 114 -19.02 6.85 -40.40
N LEU D 115 -19.47 7.61 -39.40
CA LEU D 115 -20.63 8.52 -39.56
C LEU D 115 -20.31 9.56 -40.65
N TYR D 116 -19.18 10.24 -40.53
CA TYR D 116 -18.70 11.18 -41.55
C TYR D 116 -18.65 10.51 -42.93
N LEU D 117 -18.00 9.34 -43.00
CA LEU D 117 -17.58 8.67 -44.25
C LEU D 117 -18.72 7.95 -44.98
N ASN D 118 -19.84 7.59 -44.33
CA ASN D 118 -20.82 6.62 -44.90
C ASN D 118 -21.85 7.34 -45.77
N ASN D 119 -22.00 8.66 -45.63
CA ASN D 119 -23.06 9.47 -46.28
C ASN D 119 -22.73 10.95 -46.07
N LYS D 120 -22.81 11.75 -47.14
CA LYS D 120 -22.57 13.22 -47.11
C LYS D 120 -23.51 13.91 -46.11
N ASP D 121 -24.77 13.46 -46.00
CA ASP D 121 -25.78 14.10 -45.11
C ASP D 121 -25.42 13.81 -43.64
N ASP D 122 -24.63 12.78 -43.35
CA ASP D 122 -24.27 12.42 -41.95
C ASP D 122 -23.02 13.20 -41.49
N GLN D 123 -22.29 13.82 -42.42
CA GLN D 123 -21.10 14.67 -42.09
C GLN D 123 -21.50 15.71 -41.05
N LYS D 124 -22.70 16.30 -41.15
CA LYS D 124 -23.13 17.35 -40.19
C LYS D 124 -23.23 16.75 -38.79
N ARG D 125 -23.57 15.46 -38.64
CA ARG D 125 -23.83 14.82 -37.34
C ARG D 125 -22.55 14.27 -36.66
N SER D 126 -21.44 14.17 -37.38
CA SER D 126 -20.14 13.66 -36.89
C SER D 126 -19.42 14.76 -36.12
N ILE D 127 -18.59 14.39 -35.15
CA ILE D 127 -17.70 15.28 -34.36
C ILE D 127 -16.47 15.63 -35.18
N PHE D 128 -16.18 14.86 -36.22
CA PHE D 128 -15.00 15.05 -37.10
C PHE D 128 -15.39 15.93 -38.29
N GLN D 129 -14.41 16.67 -38.79
CA GLN D 129 -14.45 17.46 -40.03
C GLN D 129 -13.08 17.28 -40.68
N LYS D 130 -12.98 17.49 -42.00
CA LYS D 130 -11.70 17.54 -42.74
C LYS D 130 -10.82 18.64 -42.13
N SER D 131 -9.52 18.39 -42.07
CA SER D 131 -8.50 19.35 -41.58
C SER D 131 -7.72 19.94 -42.78
N GLU D 132 -7.54 21.26 -42.79
CA GLU D 132 -6.49 22.02 -43.55
C GLU D 132 -5.25 21.14 -43.74
N ARG D 133 -4.73 20.49 -42.68
CA ARG D 133 -3.38 19.85 -42.70
C ARG D 133 -3.45 18.41 -43.22
N GLY D 134 -4.64 17.91 -43.57
CA GLY D 134 -4.86 16.53 -44.06
C GLY D 134 -5.64 15.69 -43.06
N GLY D 135 -6.32 14.62 -43.53
CA GLY D 135 -7.21 13.77 -42.72
C GLY D 135 -8.26 14.56 -41.94
N PHE D 136 -8.54 14.15 -40.70
CA PHE D 136 -9.69 14.66 -39.89
C PHE D 136 -9.20 15.28 -38.57
N ARG D 137 -9.96 16.26 -38.07
CA ARG D 137 -9.80 16.85 -36.72
C ARG D 137 -11.19 17.03 -36.07
N LEU D 138 -11.25 17.23 -34.76
CA LEU D 138 -12.52 17.57 -34.07
C LEU D 138 -13.08 18.88 -34.63
N LYS D 139 -14.40 19.03 -34.57
CA LYS D 139 -15.13 20.30 -34.73
C LYS D 139 -14.83 21.20 -33.53
N GLU D 140 -14.99 22.52 -33.69
CA GLU D 140 -14.82 23.51 -32.61
C GLU D 140 -15.66 23.05 -31.41
N ASN D 141 -15.11 23.14 -30.20
CA ASN D 141 -15.84 23.04 -28.91
C ASN D 141 -16.29 21.59 -28.60
N VAL D 142 -15.82 20.60 -29.36
CA VAL D 142 -15.95 19.17 -28.99
C VAL D 142 -14.84 18.84 -27.98
N GLN D 143 -15.23 18.54 -26.75
CA GLN D 143 -14.29 18.26 -25.63
C GLN D 143 -14.65 16.92 -24.98
N PHE D 144 -13.63 16.26 -24.44
CA PHE D 144 -13.81 15.00 -23.70
C PHE D 144 -13.32 15.20 -22.28
N HIS D 145 -14.10 14.65 -21.35
CA HIS D 145 -13.88 14.74 -19.88
C HIS D 145 -13.79 13.32 -19.33
N LEU D 146 -12.74 13.05 -18.55
CA LEU D 146 -12.49 11.75 -17.87
C LEU D 146 -13.01 11.83 -16.44
N TYR D 147 -13.92 10.94 -16.05
CA TYR D 147 -14.29 10.69 -14.63
C TYR D 147 -13.60 9.41 -14.17
N ILE D 148 -13.02 9.45 -12.98
CA ILE D 148 -12.58 8.25 -12.22
C ILE D 148 -13.09 8.43 -10.80
N SER D 149 -13.70 7.39 -10.22
CA SER D 149 -14.30 7.41 -8.86
C SER D 149 -13.20 7.56 -7.79
N THR D 150 -11.95 7.29 -8.15
CA THR D 150 -10.78 7.54 -7.26
C THR D 150 -9.60 8.04 -8.10
N SER D 151 -8.63 8.68 -7.48
CA SER D 151 -7.34 9.07 -8.11
C SER D 151 -6.70 7.83 -8.72
N PRO D 152 -6.08 7.93 -9.91
CA PRO D 152 -5.54 6.76 -10.60
C PRO D 152 -4.32 6.15 -9.91
N CYS D 153 -4.16 4.83 -9.99
CA CYS D 153 -3.03 4.11 -9.34
C CYS D 153 -1.70 4.68 -9.86
N GLY D 154 -0.66 4.57 -9.04
CA GLY D 154 0.65 5.17 -9.31
C GLY D 154 0.80 6.51 -8.62
N ASP D 155 1.64 7.37 -9.20
CA ASP D 155 2.16 8.63 -8.60
C ASP D 155 1.05 9.53 -8.02
N ALA D 156 -0.14 9.56 -8.61
CA ALA D 156 -1.26 10.43 -8.19
C ALA D 156 -1.82 9.98 -6.83
N ARG D 157 -1.47 8.78 -6.35
CA ARG D 157 -2.09 8.21 -5.13
C ARG D 157 -1.03 7.92 -4.05
N ILE D 158 0.18 8.47 -4.17
CA ILE D 158 1.29 8.25 -3.18
C ILE D 158 1.33 9.45 -2.23
N PHE D 159 0.34 9.57 -1.35
CA PHE D 159 0.26 10.60 -0.29
C PHE D 159 -0.61 10.10 0.86
N SER D 160 -0.68 10.90 1.91
CA SER D 160 -1.51 10.63 3.11
C SER D 160 -2.65 11.63 3.11
N PRO D 161 -3.89 11.21 2.75
CA PRO D 161 -5.03 12.11 2.63
C PRO D 161 -5.42 12.85 3.92
N HIS D 162 -5.04 12.32 5.08
CA HIS D 162 -5.32 12.99 6.37
C HIS D 162 -4.11 13.82 6.86
N GLU D 163 -3.29 14.38 5.96
CA GLU D 163 -2.08 15.18 6.31
C GLU D 163 -1.83 16.25 5.25
N PRO D 164 -1.89 17.56 5.62
CA PRO D 164 -1.31 18.62 4.78
C PRO D 164 0.23 18.58 4.77
N ALA D 178 11.75 12.77 -3.35
CA ALA D 178 11.72 12.00 -4.62
C ALA D 178 10.28 11.59 -4.97
N ARG D 179 9.70 12.22 -6.00
CA ARG D 179 8.28 12.06 -6.45
C ARG D 179 8.21 12.08 -7.99
N GLY D 180 7.26 11.35 -8.58
CA GLY D 180 7.09 11.26 -10.05
C GLY D 180 7.62 9.96 -10.63
N GLN D 181 8.19 9.09 -9.80
CA GLN D 181 8.67 7.77 -10.29
C GLN D 181 7.55 7.15 -11.12
N LEU D 182 7.91 6.69 -12.31
CA LEU D 182 7.12 5.70 -13.07
C LEU D 182 6.97 4.47 -12.17
N ARG D 183 5.78 3.87 -12.21
CA ARG D 183 5.42 2.68 -11.39
C ARG D 183 4.82 1.61 -12.29
N THR D 184 4.89 0.35 -11.88
CA THR D 184 4.22 -0.80 -12.56
C THR D 184 3.11 -1.36 -11.65
N LYS D 185 2.03 -1.85 -12.25
CA LYS D 185 1.00 -2.65 -11.55
C LYS D 185 1.66 -3.97 -11.14
N ILE D 186 1.44 -4.38 -9.89
CA ILE D 186 1.99 -5.61 -9.28
C ILE D 186 1.12 -6.77 -9.77
N GLU D 187 1.73 -7.89 -10.18
CA GLU D 187 1.08 -9.10 -10.79
C GLU D 187 -0.31 -9.32 -10.17
N SER D 188 -0.38 -9.76 -8.92
CA SER D 188 -1.64 -10.20 -8.25
C SER D 188 -2.54 -8.99 -7.96
N GLY D 189 -2.06 -8.05 -7.14
CA GLY D 189 -2.85 -7.07 -6.38
C GLY D 189 -3.32 -5.88 -7.21
N GLU D 190 -3.77 -4.84 -6.53
CA GLU D 190 -4.50 -3.69 -7.15
C GLU D 190 -3.62 -2.44 -7.24
N GLY D 191 -2.42 -2.47 -6.64
CA GLY D 191 -1.55 -1.27 -6.52
C GLY D 191 -0.29 -1.39 -7.38
N THR D 192 0.70 -0.54 -7.11
CA THR D 192 1.91 -0.35 -7.94
C THR D 192 3.18 -0.32 -7.08
N ILE D 193 4.32 -0.54 -7.72
CA ILE D 193 5.69 -0.33 -7.16
C ILE D 193 6.49 0.51 -8.16
N PRO D 194 7.55 1.25 -7.74
CA PRO D 194 8.34 2.03 -8.69
C PRO D 194 9.01 1.03 -9.64
N VAL D 195 9.57 1.51 -10.75
CA VAL D 195 10.48 0.72 -11.65
C VAL D 195 11.91 0.90 -11.12
N ARG D 196 12.94 0.35 -11.76
CA ARG D 196 14.34 0.84 -11.59
C ARG D 196 14.46 2.29 -12.13
N ARG D 212 9.35 -7.76 -17.73
CA ARG D 212 8.88 -7.88 -19.13
C ARG D 212 7.34 -7.97 -19.15
N LEU D 213 6.76 -8.75 -18.21
CA LEU D 213 5.31 -9.10 -18.15
C LEU D 213 4.51 -8.02 -17.39
N LEU D 214 4.99 -6.77 -17.36
CA LEU D 214 4.59 -5.72 -16.40
C LEU D 214 3.84 -4.58 -17.09
N THR D 215 2.79 -4.07 -16.46
CA THR D 215 1.92 -3.00 -17.00
C THR D 215 2.22 -1.68 -16.29
N MET D 216 2.19 -0.56 -17.00
CA MET D 216 2.49 0.78 -16.41
C MET D 216 1.26 1.29 -15.64
N SER D 217 1.48 2.04 -14.55
CA SER D 217 0.37 2.58 -13.72
C SER D 217 -0.57 3.44 -14.57
N CYS D 218 -1.77 3.68 -14.05
CA CYS D 218 -2.78 4.55 -14.68
C CYS D 218 -2.30 6.00 -14.62
N SER D 219 -1.64 6.40 -13.52
CA SER D 219 -1.07 7.76 -13.38
C SER D 219 -0.11 8.02 -14.56
N ASP D 220 0.66 7.02 -14.95
CA ASP D 220 1.69 7.19 -16.03
C ASP D 220 1.01 7.17 -17.40
N LYS D 221 -0.06 6.38 -17.57
CA LYS D 221 -0.76 6.24 -18.86
C LYS D 221 -1.50 7.55 -19.18
N ILE D 222 -2.12 8.20 -18.19
CA ILE D 222 -2.85 9.49 -18.35
C ILE D 222 -1.83 10.60 -18.65
N ALA D 223 -0.70 10.60 -17.97
CA ALA D 223 0.43 11.50 -18.31
C ALA D 223 0.80 11.26 -19.77
N ARG D 224 0.95 10.00 -20.16
CA ARG D 224 1.25 9.61 -21.57
C ARG D 224 0.17 10.19 -22.48
N TRP D 225 -1.10 10.07 -22.10
CA TRP D 225 -2.23 10.60 -22.94
C TRP D 225 -2.16 12.13 -23.01
N ASN D 226 -1.60 12.80 -22.00
CA ASN D 226 -1.49 14.28 -21.98
C ASN D 226 -0.31 14.72 -22.86
N VAL D 227 0.38 13.79 -23.54
CA VAL D 227 1.43 14.12 -24.53
C VAL D 227 1.01 13.63 -25.92
N VAL D 228 0.84 12.31 -26.10
CA VAL D 228 0.61 11.67 -27.43
C VAL D 228 -0.88 11.66 -27.80
N GLY D 229 -1.73 12.20 -26.91
CA GLY D 229 -3.20 12.19 -27.07
C GLY D 229 -3.83 10.91 -26.56
N ILE D 230 -5.16 10.87 -26.52
CA ILE D 230 -5.97 9.72 -26.01
C ILE D 230 -6.28 8.72 -27.12
N GLN D 231 -6.00 9.06 -28.40
CA GLN D 231 -6.62 8.38 -29.56
C GLN D 231 -5.74 7.20 -30.02
N GLY D 232 -4.48 7.20 -29.62
CA GLY D 232 -3.57 6.09 -29.94
C GLY D 232 -2.87 6.28 -31.27
N SER D 233 -1.95 5.36 -31.59
CA SER D 233 -1.12 5.37 -32.82
C SER D 233 -2.03 5.21 -34.05
N LEU D 234 -2.84 4.15 -34.08
CA LEU D 234 -3.66 3.77 -35.25
C LEU D 234 -4.65 4.88 -35.60
N LEU D 235 -5.36 5.48 -34.64
CA LEU D 235 -6.29 6.59 -35.00
C LEU D 235 -5.51 7.82 -35.46
N SER D 236 -4.27 8.05 -35.00
CA SER D 236 -3.48 9.25 -35.37
C SER D 236 -3.24 9.28 -36.89
N ILE D 237 -3.30 8.12 -37.54
CA ILE D 237 -3.20 7.97 -39.02
C ILE D 237 -4.41 8.61 -39.69
N PHE D 238 -5.61 8.60 -39.09
CA PHE D 238 -6.80 9.28 -39.63
C PHE D 238 -7.02 10.66 -39.03
N VAL D 239 -6.73 10.85 -37.73
CA VAL D 239 -7.17 12.09 -37.01
C VAL D 239 -6.00 12.69 -36.24
N GLU D 240 -6.10 13.99 -35.98
CA GLU D 240 -5.10 14.80 -35.24
C GLU D 240 -5.21 14.48 -33.75
N PRO D 241 -4.17 14.79 -32.94
CA PRO D 241 -4.16 14.39 -31.53
C PRO D 241 -5.38 14.99 -30.81
N ILE D 242 -5.98 14.16 -29.93
CA ILE D 242 -7.18 14.48 -29.11
C ILE D 242 -6.75 14.38 -27.64
N TYR D 243 -7.10 15.40 -26.85
CA TYR D 243 -6.76 15.48 -25.42
C TYR D 243 -8.05 15.58 -24.59
N PHE D 244 -7.99 15.03 -23.38
CA PHE D 244 -8.96 15.31 -22.29
C PHE D 244 -8.80 16.77 -21.85
N SER D 245 -9.91 17.50 -21.86
CA SER D 245 -10.04 18.88 -21.33
C SER D 245 -10.08 18.85 -19.79
N SER D 246 -10.67 17.82 -19.20
CA SER D 246 -10.86 17.66 -17.73
C SER D 246 -10.55 16.22 -17.29
N ILE D 247 -9.95 16.09 -16.10
CA ILE D 247 -9.87 14.84 -15.31
C ILE D 247 -10.55 15.11 -13.97
N ILE D 248 -11.66 14.42 -13.70
CA ILE D 248 -12.53 14.59 -12.50
C ILE D 248 -12.40 13.36 -11.61
N LEU D 249 -11.99 13.54 -10.35
CA LEU D 249 -11.79 12.43 -9.37
C LEU D 249 -12.93 12.43 -8.33
N GLY D 250 -13.49 11.25 -8.06
CA GLY D 250 -14.57 11.06 -7.08
C GLY D 250 -14.05 10.83 -5.67
N SER D 251 -12.74 10.72 -5.47
CA SER D 251 -12.14 10.50 -4.13
C SER D 251 -10.63 10.67 -4.24
N LEU D 252 -9.95 10.88 -3.10
CA LEU D 252 -8.48 10.94 -3.00
C LEU D 252 -8.01 11.99 -4.00
N TYR D 253 -8.84 13.01 -4.23
CA TYR D 253 -8.40 14.19 -5.00
C TYR D 253 -7.32 14.91 -4.19
N HIS D 254 -6.21 15.28 -4.83
CA HIS D 254 -5.23 16.22 -4.25
C HIS D 254 -4.53 16.96 -5.39
N GLY D 255 -4.68 18.29 -5.41
CA GLY D 255 -4.26 19.18 -6.51
C GLY D 255 -2.80 19.07 -6.84
N ASP D 256 -1.91 19.05 -5.82
CA ASP D 256 -0.42 19.07 -6.01
C ASP D 256 0.03 17.71 -6.55
N HIS D 257 -0.48 16.62 -5.99
CA HIS D 257 -0.09 15.24 -6.36
C HIS D 257 -0.65 14.92 -7.73
N LEU D 258 -1.93 15.22 -7.96
CA LEU D 258 -2.57 14.90 -9.25
C LEU D 258 -1.92 15.71 -10.39
N SER D 259 -1.61 16.99 -10.21
CA SER D 259 -0.97 17.82 -11.26
C SER D 259 0.46 17.32 -11.55
N ARG D 260 1.21 16.92 -10.53
CA ARG D 260 2.56 16.32 -10.68
C ARG D 260 2.46 15.03 -11.51
N ALA D 261 1.58 14.11 -11.10
CA ALA D 261 1.28 12.83 -11.78
C ALA D 261 0.93 13.07 -13.25
N MET D 262 0.00 14.00 -13.51
CA MET D 262 -0.70 14.14 -14.82
C MET D 262 0.14 14.90 -15.85
N TYR D 263 1.02 15.82 -15.44
CA TYR D 263 1.83 16.61 -16.42
C TYR D 263 3.11 17.26 -15.83
N GLN D 264 3.06 17.87 -14.64
CA GLN D 264 4.13 18.75 -14.15
C GLN D 264 5.48 18.01 -14.05
N ARG D 265 5.49 16.72 -13.72
CA ARG D 265 6.75 15.93 -13.61
C ARG D 265 7.46 15.81 -14.96
N ILE D 266 6.80 16.08 -16.10
CA ILE D 266 7.44 15.93 -17.46
C ILE D 266 7.37 17.23 -18.25
N SER D 267 7.27 18.38 -17.59
CA SER D 267 7.31 19.73 -18.21
C SER D 267 8.69 20.00 -18.82
N ASN D 268 9.68 19.14 -18.53
CA ASN D 268 11.02 19.16 -19.19
C ASN D 268 10.93 18.57 -20.62
N ILE D 269 9.74 18.26 -21.10
CA ILE D 269 9.56 17.60 -22.43
C ILE D 269 9.91 18.60 -23.53
N GLU D 270 10.59 18.10 -24.58
CA GLU D 270 11.47 18.87 -25.49
C GLU D 270 10.71 19.32 -26.75
N ASP D 271 10.78 18.51 -27.80
CA ASP D 271 10.62 18.95 -29.22
C ASP D 271 9.55 18.07 -29.86
N LEU D 272 8.30 18.29 -29.43
CA LEU D 272 7.13 17.49 -29.86
C LEU D 272 6.84 17.86 -31.30
N PRO D 273 6.37 16.93 -32.15
CA PRO D 273 6.00 17.26 -33.53
C PRO D 273 4.79 18.20 -33.53
N PRO D 274 4.43 18.84 -34.65
CA PRO D 274 3.31 19.79 -34.63
C PRO D 274 1.97 19.08 -34.26
N LEU D 275 1.12 19.83 -33.54
CA LEU D 275 -0.23 19.46 -33.00
C LEU D 275 -0.11 18.78 -31.62
N TYR D 276 1.05 18.20 -31.29
CA TYR D 276 1.32 17.56 -29.99
C TYR D 276 1.76 18.61 -28.97
N THR D 277 1.15 18.58 -27.81
CA THR D 277 1.45 19.51 -26.69
C THR D 277 1.57 18.69 -25.41
N LEU D 278 2.19 19.26 -24.38
CA LEU D 278 1.93 18.87 -22.98
C LEU D 278 0.57 19.48 -22.56
N ASN D 279 -0.48 18.66 -22.64
CA ASN D 279 -1.87 19.01 -22.28
C ASN D 279 -1.98 19.15 -20.76
N LYS D 280 -2.59 20.26 -20.31
CA LYS D 280 -2.74 20.62 -18.88
C LYS D 280 -4.24 20.69 -18.59
N PRO D 281 -4.93 19.54 -18.51
CA PRO D 281 -6.38 19.53 -18.33
C PRO D 281 -6.77 20.10 -16.97
N LEU D 282 -7.99 20.64 -16.89
CA LEU D 282 -8.64 21.02 -15.61
C LEU D 282 -8.67 19.79 -14.68
N LEU D 283 -8.19 19.93 -13.45
CA LEU D 283 -8.26 18.87 -12.41
C LEU D 283 -9.27 19.31 -11.36
N SER D 284 -10.17 18.42 -10.94
CA SER D 284 -11.17 18.71 -9.89
C SER D 284 -11.63 17.41 -9.21
N GLY D 285 -11.85 17.50 -7.91
CA GLY D 285 -12.68 16.55 -7.17
C GLY D 285 -14.14 16.95 -7.26
N ILE D 286 -15.00 16.18 -6.60
CA ILE D 286 -16.47 16.36 -6.59
C ILE D 286 -16.90 16.77 -5.19
N SER D 287 -18.12 17.29 -5.05
CA SER D 287 -18.62 17.96 -3.81
C SER D 287 -18.82 16.93 -2.71
N ASN D 288 -19.52 15.83 -3.00
CA ASN D 288 -19.70 14.70 -2.06
C ASN D 288 -18.80 13.54 -2.50
N ALA D 289 -17.55 13.52 -2.02
CA ALA D 289 -16.53 12.48 -2.30
C ALA D 289 -17.02 11.12 -1.80
N GLU D 290 -16.42 10.05 -2.32
CA GLU D 290 -16.77 8.64 -1.97
C GLU D 290 -15.80 8.15 -0.88
N ALA D 291 -16.34 7.39 0.07
CA ALA D 291 -15.63 6.79 1.21
C ALA D 291 -14.85 5.54 0.77
N ARG D 292 -13.65 5.34 1.34
CA ARG D 292 -12.93 4.06 1.25
C ARG D 292 -13.86 2.95 1.74
N GLN D 293 -14.02 1.87 0.95
CA GLN D 293 -14.70 0.62 1.36
C GLN D 293 -13.66 -0.48 1.38
N PRO D 294 -13.10 -0.82 2.57
CA PRO D 294 -12.07 -1.86 2.65
C PRO D 294 -12.75 -3.22 2.45
N GLY D 295 -12.23 -4.05 1.56
CA GLY D 295 -12.69 -5.43 1.36
C GLY D 295 -12.00 -6.10 0.19
N LYS D 296 -12.49 -7.29 -0.21
CA LYS D 296 -12.17 -8.00 -1.46
C LYS D 296 -12.66 -7.11 -2.62
N ALA D 297 -11.89 -7.02 -3.69
CA ALA D 297 -12.27 -6.31 -4.93
C ALA D 297 -12.72 -7.33 -5.98
N PRO D 298 -13.83 -7.02 -6.72
CA PRO D 298 -14.36 -7.93 -7.73
C PRO D 298 -13.33 -8.31 -8.80
N ASN D 299 -13.55 -9.47 -9.41
CA ASN D 299 -12.60 -10.09 -10.36
C ASN D 299 -12.87 -9.58 -11.79
N PHE D 300 -14.04 -8.96 -12.02
CA PHE D 300 -14.52 -8.61 -13.37
C PHE D 300 -14.40 -7.09 -13.57
N SER D 301 -14.39 -6.71 -14.85
CA SER D 301 -14.37 -5.32 -15.37
C SER D 301 -15.53 -5.15 -16.37
N VAL D 302 -16.29 -4.08 -16.20
CA VAL D 302 -17.47 -3.75 -17.05
C VAL D 302 -17.06 -2.67 -18.07
N ASN D 303 -17.62 -2.70 -19.27
CA ASN D 303 -17.42 -1.61 -20.28
C ASN D 303 -18.69 -1.42 -21.10
N TRP D 304 -18.88 -0.19 -21.58
CA TRP D 304 -20.04 0.20 -22.41
C TRP D 304 -19.68 1.46 -23.19
N THR D 305 -20.04 1.53 -24.47
CA THR D 305 -19.87 2.73 -25.32
C THR D 305 -21.23 3.14 -25.86
N VAL D 306 -21.47 4.45 -25.94
CA VAL D 306 -22.73 5.04 -26.47
C VAL D 306 -23.04 4.33 -27.79
N GLY D 307 -24.27 3.87 -27.92
CA GLY D 307 -24.72 3.02 -29.04
C GLY D 307 -24.92 1.58 -28.59
N ASP D 308 -24.05 1.08 -27.69
CA ASP D 308 -24.16 -0.32 -27.20
C ASP D 308 -25.51 -0.48 -26.49
N SER D 309 -26.15 -1.63 -26.64
CA SER D 309 -27.43 -1.96 -25.99
C SER D 309 -27.18 -2.39 -24.54
N ALA D 310 -26.07 -3.10 -24.28
CA ALA D 310 -25.74 -3.69 -22.95
C ALA D 310 -24.26 -3.51 -22.57
N ILE D 311 -23.98 -3.49 -21.27
CA ILE D 311 -22.59 -3.66 -20.74
C ILE D 311 -22.00 -4.96 -21.27
N GLU D 312 -20.67 -5.02 -21.31
CA GLU D 312 -19.86 -6.24 -21.61
C GLU D 312 -19.02 -6.51 -20.35
N VAL D 313 -19.03 -7.74 -19.85
CA VAL D 313 -18.38 -8.12 -18.57
C VAL D 313 -17.16 -8.97 -18.88
N ILE D 314 -15.98 -8.48 -18.51
CA ILE D 314 -14.67 -9.15 -18.76
C ILE D 314 -14.11 -9.63 -17.44
N ASN D 315 -13.37 -10.74 -17.49
CA ASN D 315 -12.61 -11.26 -16.34
C ASN D 315 -11.22 -10.64 -16.43
N ALA D 316 -10.88 -9.75 -15.48
CA ALA D 316 -9.60 -9.00 -15.44
C ALA D 316 -8.42 -9.98 -15.48
N THR D 317 -8.59 -11.19 -14.95
CA THR D 317 -7.55 -12.24 -14.82
C THR D 317 -7.18 -12.81 -16.20
N THR D 318 -8.21 -13.14 -17.01
CA THR D 318 -8.08 -13.78 -18.35
C THR D 318 -8.02 -12.74 -19.47
N GLY D 319 -8.58 -11.55 -19.23
CA GLY D 319 -8.75 -10.50 -20.26
C GLY D 319 -9.87 -10.80 -21.24
N LYS D 320 -10.68 -11.84 -20.97
CA LYS D 320 -11.72 -12.36 -21.89
C LYS D 320 -13.05 -12.35 -21.13
N ASP D 321 -14.19 -12.47 -21.81
CA ASP D 321 -15.49 -12.40 -21.08
C ASP D 321 -15.70 -13.74 -20.37
N GLU D 322 -16.82 -13.88 -19.67
CA GLU D 322 -17.06 -15.05 -18.77
C GLU D 322 -17.13 -16.35 -19.57
N LEU D 323 -17.42 -16.32 -20.88
CA LEU D 323 -17.50 -17.53 -21.73
C LEU D 323 -16.19 -17.72 -22.50
N GLY D 324 -15.15 -16.91 -22.24
CA GLY D 324 -13.81 -17.07 -22.82
C GLY D 324 -13.69 -16.56 -24.25
N ARG D 325 -14.58 -15.66 -24.67
CA ARG D 325 -14.53 -14.96 -25.99
C ARG D 325 -13.77 -13.63 -25.85
N ALA D 326 -13.20 -13.12 -26.96
CA ALA D 326 -12.50 -11.81 -27.02
C ALA D 326 -13.48 -10.63 -26.80
N SER D 327 -13.04 -9.62 -26.03
CA SER D 327 -13.77 -8.34 -25.80
C SER D 327 -13.83 -7.56 -27.11
N ARG D 328 -14.89 -6.77 -27.29
CA ARG D 328 -15.01 -5.73 -28.34
C ARG D 328 -13.93 -4.64 -28.15
N LEU D 329 -13.15 -4.68 -27.05
CA LEU D 329 -12.08 -3.70 -26.74
C LEU D 329 -10.69 -4.29 -26.99
N CYS D 330 -10.53 -5.55 -27.36
CA CYS D 330 -9.16 -6.13 -27.45
C CYS D 330 -8.47 -5.58 -28.70
N LYS D 331 -7.14 -5.70 -28.76
CA LYS D 331 -6.29 -5.25 -29.89
C LYS D 331 -6.93 -5.69 -31.22
N HIS D 332 -7.32 -6.95 -31.35
CA HIS D 332 -7.87 -7.55 -32.60
C HIS D 332 -9.15 -6.80 -33.00
N ALA D 333 -10.05 -6.55 -32.06
CA ALA D 333 -11.38 -5.95 -32.33
C ALA D 333 -11.20 -4.49 -32.79
N LEU D 334 -10.29 -3.72 -32.19
CA LEU D 334 -10.00 -2.30 -32.55
C LEU D 334 -9.30 -2.27 -33.91
N TYR D 335 -8.44 -3.27 -34.17
CA TYR D 335 -7.74 -3.39 -35.47
C TYR D 335 -8.79 -3.65 -36.58
N CYS D 336 -9.82 -4.45 -36.29
CA CYS D 336 -10.96 -4.68 -37.21
CA CYS D 336 -10.95 -4.68 -37.22
C CYS D 336 -11.68 -3.35 -37.49
N ARG D 337 -12.00 -2.58 -36.45
CA ARG D 337 -12.65 -1.25 -36.65
C ARG D 337 -11.72 -0.40 -37.53
N TRP D 338 -10.45 -0.30 -37.18
CA TRP D 338 -9.47 0.54 -37.92
C TRP D 338 -9.37 0.11 -39.38
N MET D 339 -9.30 -1.19 -39.67
CA MET D 339 -9.14 -1.74 -41.04
C MET D 339 -10.37 -1.37 -41.89
N ARG D 340 -11.55 -1.46 -41.29
CA ARG D 340 -12.83 -1.11 -41.95
C ARG D 340 -12.77 0.36 -42.38
N VAL D 341 -12.27 1.26 -41.52
CA VAL D 341 -12.16 2.71 -41.84
C VAL D 341 -11.06 2.95 -42.87
N HIS D 342 -9.94 2.22 -42.79
CA HIS D 342 -8.81 2.33 -43.76
C HIS D 342 -9.33 2.01 -45.17
N GLY D 343 -10.28 1.07 -45.28
CA GLY D 343 -10.91 0.67 -46.55
C GLY D 343 -11.75 1.77 -47.19
N LYS D 344 -12.15 2.79 -46.41
CA LYS D 344 -13.16 3.80 -46.80
C LYS D 344 -12.47 5.13 -47.10
N VAL D 345 -11.22 5.29 -46.69
CA VAL D 345 -10.52 6.61 -46.74
C VAL D 345 -9.49 6.57 -47.86
N PRO D 346 -9.61 7.43 -48.90
CA PRO D 346 -8.63 7.44 -50.00
C PRO D 346 -7.22 7.72 -49.45
N SER D 347 -6.21 7.09 -50.06
CA SER D 347 -4.76 7.18 -49.70
C SER D 347 -4.33 8.64 -49.48
N HIS D 348 -4.78 9.56 -50.32
CA HIS D 348 -4.40 11.00 -50.28
C HIS D 348 -5.00 11.66 -49.02
N LEU D 349 -5.96 11.01 -48.35
CA LEU D 349 -6.71 11.62 -47.23
C LEU D 349 -6.13 11.17 -45.88
N LEU D 350 -5.22 10.19 -45.87
CA LEU D 350 -4.49 9.72 -44.65
C LEU D 350 -3.50 10.78 -44.15
N ARG D 351 -3.31 10.88 -42.85
CA ARG D 351 -2.32 11.79 -42.21
C ARG D 351 -0.94 11.13 -42.24
N SER D 352 -0.89 9.81 -42.42
CA SER D 352 0.33 9.00 -42.65
C SER D 352 0.07 8.03 -43.81
N LYS D 353 1.08 7.78 -44.62
CA LYS D 353 1.05 6.77 -45.72
C LYS D 353 1.08 5.36 -45.10
N ILE D 354 0.19 4.48 -45.55
CA ILE D 354 0.14 3.04 -45.13
C ILE D 354 -0.79 2.31 -46.11
N THR D 355 -0.19 1.56 -47.05
CA THR D 355 -0.90 0.77 -48.09
C THR D 355 -0.73 -0.71 -47.72
N LYS D 356 -1.75 -1.52 -48.01
CA LYS D 356 -1.81 -2.97 -47.69
C LYS D 356 -1.36 -3.19 -46.26
N PRO D 357 -2.02 -2.57 -45.25
CA PRO D 357 -1.74 -2.87 -43.85
C PRO D 357 -2.00 -4.36 -43.60
N ASN D 358 -1.04 -5.08 -43.01
CA ASN D 358 -1.25 -6.50 -42.63
C ASN D 358 -1.05 -6.61 -41.11
N VAL D 359 0.20 -6.54 -40.66
CA VAL D 359 0.54 -6.86 -39.25
C VAL D 359 0.26 -5.62 -38.41
N TYR D 360 -0.41 -5.83 -37.27
CA TYR D 360 -0.80 -4.81 -36.26
C TYR D 360 0.41 -3.90 -35.93
N HIS D 361 1.57 -4.49 -35.65
CA HIS D 361 2.75 -3.70 -35.19
C HIS D 361 3.22 -2.76 -36.32
N GLU D 362 3.38 -3.27 -37.54
CA GLU D 362 3.78 -2.46 -38.73
C GLU D 362 2.88 -1.23 -38.89
N SER D 363 1.57 -1.43 -38.78
CA SER D 363 0.53 -0.39 -38.95
C SER D 363 0.70 0.73 -37.90
N LYS D 364 1.02 0.37 -36.65
CA LYS D 364 1.34 1.34 -35.57
C LYS D 364 2.60 2.15 -35.89
N LEU D 365 3.63 1.52 -36.47
CA LEU D 365 4.95 2.13 -36.76
C LEU D 365 4.82 3.18 -37.87
N ALA D 366 3.78 3.06 -38.71
CA ALA D 366 3.44 4.00 -39.79
C ALA D 366 2.92 5.33 -39.21
N ALA D 367 2.48 5.38 -37.95
CA ALA D 367 2.07 6.64 -37.30
C ALA D 367 3.32 7.33 -36.73
N LYS D 368 4.13 7.92 -37.61
CA LYS D 368 5.53 8.36 -37.31
C LYS D 368 5.52 9.62 -36.45
N GLU D 369 4.57 10.55 -36.63
CA GLU D 369 4.36 11.70 -35.71
C GLU D 369 4.18 11.13 -34.29
N TYR D 370 3.24 10.19 -34.12
CA TYR D 370 2.89 9.61 -32.80
C TYR D 370 4.11 8.91 -32.18
N GLN D 371 4.84 8.10 -32.96
CA GLN D 371 5.99 7.30 -32.44
C GLN D 371 7.10 8.26 -31.98
N ALA D 372 7.22 9.43 -32.61
CA ALA D 372 8.23 10.46 -32.28
C ALA D 372 7.82 11.19 -31.00
N ALA D 373 6.55 11.52 -30.84
CA ALA D 373 6.02 12.15 -29.60
C ALA D 373 6.13 11.17 -28.42
N LYS D 374 6.01 9.87 -28.68
CA LYS D 374 6.18 8.77 -27.68
C LYS D 374 7.65 8.72 -27.24
N ALA D 375 8.58 8.70 -28.19
CA ALA D 375 10.05 8.82 -27.96
C ALA D 375 10.32 10.05 -27.08
N ARG D 376 9.81 11.23 -27.43
CA ARG D 376 10.03 12.48 -26.65
C ARG D 376 9.56 12.26 -25.22
N LEU D 377 8.44 11.55 -25.05
CA LEU D 377 7.81 11.25 -23.73
C LEU D 377 8.74 10.36 -22.91
N PHE D 378 9.27 9.30 -23.55
CA PHE D 378 10.16 8.31 -22.90
C PHE D 378 11.45 8.99 -22.47
N THR D 379 11.88 10.02 -23.21
CA THR D 379 13.11 10.80 -22.91
C THR D 379 12.86 11.71 -21.71
N ALA D 380 11.72 12.42 -21.67
CA ALA D 380 11.38 13.40 -20.61
C ALA D 380 11.40 12.73 -19.22
N PHE D 381 10.84 11.52 -19.10
CA PHE D 381 10.83 10.72 -17.84
C PHE D 381 12.26 10.35 -17.44
N ILE D 382 13.12 9.98 -18.40
CA ILE D 382 14.52 9.53 -18.12
C ILE D 382 15.33 10.72 -17.60
N LYS D 383 15.24 11.87 -18.26
CA LYS D 383 16.01 13.11 -17.97
C LYS D 383 15.51 13.77 -16.68
N ALA D 384 14.27 13.50 -16.27
CA ALA D 384 13.71 13.99 -14.99
C ALA D 384 14.08 13.01 -13.86
N GLY D 385 14.69 11.87 -14.20
CA GLY D 385 15.16 10.85 -13.25
C GLY D 385 14.03 9.97 -12.72
N LEU D 386 13.01 9.70 -13.54
CA LEU D 386 11.73 9.10 -13.07
C LEU D 386 11.58 7.67 -13.55
N GLY D 387 12.50 7.18 -14.40
CA GLY D 387 12.56 5.77 -14.80
C GLY D 387 12.32 5.56 -16.29
N ALA D 388 12.55 4.34 -16.75
CA ALA D 388 12.38 3.92 -18.15
C ALA D 388 10.99 3.27 -18.24
N TRP D 389 10.16 3.77 -19.16
CA TRP D 389 8.90 3.13 -19.61
C TRP D 389 9.15 1.67 -19.94
N VAL D 390 8.38 0.78 -19.32
CA VAL D 390 8.36 -0.67 -19.68
C VAL D 390 7.41 -0.86 -20.87
N GLU D 391 7.93 -1.25 -22.03
CA GLU D 391 7.13 -1.65 -23.22
C GLU D 391 7.02 -3.17 -23.22
N LYS D 392 5.88 -3.73 -23.62
CA LYS D 392 5.72 -5.20 -23.73
C LYS D 392 6.49 -5.66 -24.96
N PRO D 393 7.06 -6.89 -24.96
CA PRO D 393 7.81 -7.39 -26.10
C PRO D 393 6.90 -7.46 -27.34
N THR D 394 7.33 -6.87 -28.46
CA THR D 394 6.49 -6.60 -29.65
C THR D 394 6.42 -7.85 -30.53
N GLU D 395 6.31 -9.02 -29.91
CA GLU D 395 5.74 -10.27 -30.49
C GLU D 395 4.24 -10.30 -30.18
N GLN D 396 3.82 -9.67 -29.08
CA GLN D 396 2.40 -9.59 -28.63
C GLN D 396 1.56 -8.84 -29.68
N ASP D 397 2.15 -7.86 -30.37
CA ASP D 397 1.52 -7.05 -31.44
C ASP D 397 1.85 -7.60 -32.83
N GLN D 398 2.51 -8.76 -32.95
CA GLN D 398 2.83 -9.41 -34.26
C GLN D 398 1.70 -10.37 -34.61
N PHE D 399 0.56 -9.81 -35.03
CA PHE D 399 -0.63 -10.57 -35.50
C PHE D 399 -1.30 -9.83 -36.63
N SER D 400 -2.04 -10.58 -37.45
CA SER D 400 -2.83 -10.09 -38.61
C SER D 400 -4.29 -10.47 -38.38
N LEU D 401 -5.19 -9.85 -39.15
CA LEU D 401 -6.61 -10.27 -39.26
C LEU D 401 -6.75 -11.45 -40.24
N THR D 402 -5.63 -12.04 -40.71
CA THR D 402 -5.54 -13.22 -41.62
C THR D 402 -6.92 -13.69 -42.06
C1 IHP E . 9.32 -1.76 13.27
C2 IHP E . 7.95 -2.41 13.39
C3 IHP E . 7.19 -2.34 12.06
C4 IHP E . 8.06 -2.55 10.77
C5 IHP E . 9.61 -2.54 10.91
C6 IHP E . 10.17 -2.58 12.33
O11 IHP E . 9.18 -0.46 12.70
P1 IHP E . 9.34 0.95 13.47
O21 IHP E . 10.22 0.86 14.74
O31 IHP E . 9.88 1.95 12.46
O41 IHP E . 7.94 1.42 13.77
O12 IHP E . 7.24 -1.68 14.36
P2 IHP E . 6.10 -2.35 15.36
O22 IHP E . 6.24 -3.88 15.31
O32 IHP E . 4.74 -1.86 14.93
O42 IHP E . 6.46 -1.83 16.75
O13 IHP E . 6.07 -3.19 12.13
P3 IHP E . 4.60 -2.56 11.73
O23 IHP E . 4.31 -1.37 12.62
O33 IHP E . 4.52 -2.24 10.27
O43 IHP E . 3.52 -3.56 11.91
O14 IHP E . 7.73 -3.77 10.24
P4 IHP E . 7.27 -4.09 8.70
O24 IHP E . 7.65 -5.56 8.73
O34 IHP E . 7.99 -3.29 7.67
O44 IHP E . 5.79 -3.88 8.55
O15 IHP E . 10.22 -3.55 10.15
P5 IHP E . 11.35 -3.13 9.03
O25 IHP E . 12.51 -2.48 9.69
O35 IHP E . 11.78 -4.35 8.33
O45 IHP E . 10.93 -2.03 8.09
O16 IHP E . 11.39 -1.89 12.25
P6 IHP E . 12.79 -2.44 12.90
O26 IHP E . 12.77 -3.94 13.00
O36 IHP E . 13.88 -1.96 12.01
O46 IHP E . 13.00 -1.77 14.25
ZN ZN F . -1.89 -8.81 18.91
C1 IHP G . -1.98 0.50 -26.25
C2 IHP G . -1.87 0.24 -24.75
C3 IHP G . -0.78 -0.77 -24.47
C4 IHP G . 0.55 -0.70 -25.29
C5 IHP G . 0.49 0.22 -26.56
C6 IHP G . -0.71 1.17 -26.75
O11 IHP G . -2.00 -0.73 -26.97
P1 IHP G . -3.25 -1.14 -27.91
O21 IHP G . -3.93 0.10 -28.43
O31 IHP G . -2.75 -2.00 -29.06
O41 IHP G . -4.10 -2.04 -27.01
O12 IHP G . -3.04 -0.37 -24.28
P2 IHP G . -3.84 0.13 -22.95
O22 IHP G . -3.09 1.28 -22.34
O32 IHP G . -3.93 -1.05 -22.02
O42 IHP G . -5.23 0.61 -23.36
O13 IHP G . -0.56 -0.71 -23.11
P3 IHP G . -0.59 -2.15 -22.31
O23 IHP G . -1.94 -2.78 -22.46
O33 IHP G . 0.46 -3.06 -22.92
O43 IHP G . -0.26 -1.85 -20.87
O14 IHP G . 1.56 -0.30 -24.44
P4 IHP G . 3.04 -0.97 -24.20
O24 IHP G . 3.64 -1.63 -25.41
O34 IHP G . 3.06 -1.88 -23.01
O44 IHP G . 3.77 0.33 -23.91
O15 IHP G . 1.67 0.96 -26.67
P5 IHP G . 2.69 0.74 -27.95
O25 IHP G . 2.11 -0.24 -28.91
O35 IHP G . 2.81 2.13 -28.57
O45 IHP G . 4.05 0.25 -27.44
O16 IHP G . -0.99 1.40 -28.12
P6 IHP G . -0.67 2.85 -28.83
O26 IHP G . -0.38 4.00 -27.91
O36 IHP G . 0.56 2.60 -29.70
O46 IHP G . -1.86 3.18 -29.66
ZN ZN H . -4.95 1.88 -12.22
#